data_7OVA
#
_entry.id   7OVA
#
_cell.length_a   37.510
_cell.length_b   66.407
_cell.length_c   86.700
_cell.angle_alpha   83.711
_cell.angle_beta   80.835
_cell.angle_gamma   89.995
#
_symmetry.space_group_name_H-M   'P 1'
#
loop_
_entity.id
_entity.type
_entity.pdbx_description
1 polymer 'Endoglucanase, putative'
2 non-polymer 'COPPER (II) ION'
3 non-polymer '(2S)-2-hydroxybutanedioic acid'
4 water water
#
_entity_poly.entity_id   1
_entity_poly.type   'polypeptide(L)'
_entity_poly.pdbx_seq_one_letter_code
;HGFVSGAVVDGKYYTGYLVNQYPYMSSPPESIGWSETATDLGFVDGSGYSSGDIICHKSAKNGAISAEIKAGGKVEFQWT
EWPESHHGPVITYMANCNGDCASVDKTSLEFFKIDESGLISDSNVPGTWASDNLIANNNSWTVTVPSSIAAGNYVMRHEI
IALHSAGNQNGAQNYPQCINLKVTGGGSDKPAGTLGTALYKNTDAGILVNIYQSLSSYDIPGPALYSGHHHHHH
;
_entity_poly.pdbx_strand_id   AAA,BBB,CCC,DDD
#
# COMPACT_ATOMS: atom_id res chain seq x y z
N HIS A 1 9.45 -25.26 -12.66
CA HIS A 1 9.79 -24.96 -14.10
C HIS A 1 10.53 -23.62 -14.18
N GLY A 2 11.72 -23.61 -14.77
CA GLY A 2 12.58 -22.42 -14.84
C GLY A 2 13.96 -22.77 -15.35
N PHE A 3 14.84 -21.79 -15.52
CA PHE A 3 16.21 -22.07 -16.00
C PHE A 3 17.09 -20.88 -15.62
N VAL A 4 18.40 -21.03 -15.77
CA VAL A 4 19.39 -19.97 -15.47
C VAL A 4 19.54 -19.08 -16.70
N SER A 5 19.11 -17.82 -16.63
CA SER A 5 19.19 -16.87 -17.76
C SER A 5 20.59 -16.24 -17.80
N GLY A 6 21.32 -16.27 -16.70
CA GLY A 6 22.63 -15.61 -16.65
C GLY A 6 23.39 -15.93 -15.38
N ALA A 7 24.69 -15.60 -15.37
CA ALA A 7 25.56 -15.82 -14.20
C ALA A 7 26.54 -14.64 -14.13
N VAL A 8 26.67 -14.05 -12.95
CA VAL A 8 27.73 -13.06 -12.63
C VAL A 8 28.92 -13.81 -12.08
N VAL A 9 29.98 -13.87 -12.86
CA VAL A 9 31.20 -14.68 -12.58
C VAL A 9 32.33 -13.70 -12.22
N ASP A 10 32.75 -13.68 -10.95
CA ASP A 10 33.80 -12.75 -10.44
C ASP A 10 33.43 -11.32 -10.89
N GLY A 11 32.15 -10.97 -10.74
CA GLY A 11 31.62 -9.61 -10.91
C GLY A 11 31.19 -9.29 -12.33
N LYS A 12 31.47 -10.16 -13.31
CA LYS A 12 31.14 -9.90 -14.73
C LYS A 12 29.92 -10.74 -15.14
N TYR A 13 28.89 -10.10 -15.69
CA TYR A 13 27.67 -10.80 -16.11
C TYR A 13 27.92 -11.48 -17.45
N TYR A 14 27.49 -12.74 -17.56
CA TYR A 14 27.49 -13.60 -18.77
C TYR A 14 26.06 -14.09 -19.01
N THR A 15 25.59 -13.88 -20.22
CA THR A 15 24.27 -14.38 -20.65
C THR A 15 24.36 -15.91 -20.69
N GLY A 16 23.41 -16.58 -20.06
CA GLY A 16 23.39 -18.06 -20.06
C GLY A 16 22.76 -18.59 -21.31
N TYR A 17 22.41 -19.87 -21.26
CA TYR A 17 21.76 -20.56 -22.39
C TYR A 17 20.27 -20.29 -22.32
N LEU A 18 19.76 -19.41 -23.19
CA LEU A 18 18.35 -19.00 -23.17
C LEU A 18 17.51 -20.08 -23.86
N VAL A 19 17.12 -21.09 -23.09
CA VAL A 19 16.49 -22.34 -23.60
C VAL A 19 15.10 -22.00 -24.16
N ASN A 20 14.57 -20.80 -23.89
CA ASN A 20 13.26 -20.37 -24.43
C ASN A 20 13.49 -19.59 -25.73
N GLN A 21 14.74 -19.40 -26.17
CA GLN A 21 15.05 -18.54 -27.34
C GLN A 21 16.05 -19.23 -28.27
N TYR A 22 17.22 -19.63 -27.79
CA TYR A 22 18.34 -20.13 -28.64
C TYR A 22 17.94 -21.36 -29.45
N PRO A 23 17.15 -22.33 -28.91
CA PRO A 23 16.81 -23.54 -29.67
C PRO A 23 16.07 -23.25 -30.98
N TYR A 24 15.54 -22.05 -31.15
CA TYR A 24 14.65 -21.67 -32.29
C TYR A 24 15.39 -20.74 -33.26
N MET A 25 16.62 -20.40 -32.94
CA MET A 25 17.44 -19.45 -33.74
C MET A 25 18.14 -20.24 -34.85
N SER A 26 18.34 -19.62 -36.01
CA SER A 26 19.19 -20.23 -37.06
C SER A 26 20.58 -20.52 -36.46
N SER A 27 21.16 -19.56 -35.73
CA SER A 27 22.52 -19.71 -35.15
C SER A 27 22.58 -18.90 -33.86
N PRO A 28 22.56 -19.56 -32.69
CA PRO A 28 22.52 -18.86 -31.42
C PRO A 28 23.91 -18.36 -31.07
N PRO A 29 24.00 -17.38 -30.16
CA PRO A 29 25.29 -16.90 -29.73
C PRO A 29 25.94 -18.06 -28.98
N GLU A 30 27.26 -18.01 -28.89
CA GLU A 30 28.03 -18.77 -27.88
C GLU A 30 27.59 -18.37 -26.48
N SER A 31 27.74 -19.29 -25.55
CA SER A 31 27.44 -19.07 -24.13
C SER A 31 28.38 -19.95 -23.30
N ILE A 32 28.69 -19.50 -22.08
CA ILE A 32 29.28 -20.36 -21.02
C ILE A 32 28.23 -21.37 -20.56
N GLY A 33 26.95 -21.05 -20.79
CA GLY A 33 25.82 -21.97 -20.54
C GLY A 33 25.79 -23.09 -21.57
N TRP A 34 25.66 -24.30 -21.07
CA TRP A 34 25.48 -25.54 -21.88
C TRP A 34 24.11 -25.49 -22.56
N SER A 35 24.05 -25.90 -23.82
CA SER A 35 22.77 -26.03 -24.53
C SER A 35 22.09 -27.26 -23.95
N GLU A 36 20.76 -27.25 -23.93
CA GLU A 36 19.96 -28.42 -23.48
C GLU A 36 18.57 -28.27 -24.07
N THR A 37 17.81 -29.35 -24.12
CA THR A 37 16.60 -29.46 -24.96
C THR A 37 15.33 -29.51 -24.11
N ALA A 38 15.40 -29.13 -22.82
CA ALA A 38 14.20 -29.04 -21.94
C ALA A 38 13.52 -27.68 -22.20
N THR A 39 13.00 -27.54 -23.41
CA THR A 39 12.43 -26.28 -23.92
C THR A 39 11.08 -26.02 -23.28
N ASP A 40 10.56 -27.00 -22.52
CA ASP A 40 9.39 -26.78 -21.63
C ASP A 40 9.83 -26.18 -20.28
N LEU A 41 11.14 -25.90 -20.07
CA LEU A 41 11.72 -25.40 -18.79
C LEU A 41 11.59 -26.47 -17.69
N GLY A 42 11.44 -27.74 -18.08
CA GLY A 42 11.15 -28.88 -17.20
C GLY A 42 12.39 -29.42 -16.52
N PHE A 43 12.33 -30.69 -16.12
CA PHE A 43 13.24 -31.30 -15.12
C PHE A 43 13.69 -32.68 -15.60
N VAL A 44 14.69 -33.23 -14.92
CA VAL A 44 15.09 -34.66 -14.99
C VAL A 44 14.59 -35.25 -13.67
N ASP A 45 13.72 -36.25 -13.72
CA ASP A 45 13.28 -36.92 -12.47
C ASP A 45 14.07 -38.22 -12.25
N GLY A 46 13.71 -39.01 -11.24
CA GLY A 46 14.46 -40.21 -10.83
C GLY A 46 14.61 -41.24 -11.94
N SER A 47 13.65 -41.30 -12.88
CA SER A 47 13.73 -42.21 -14.04
C SER A 47 14.96 -41.83 -14.90
N GLY A 48 15.58 -40.67 -14.64
CA GLY A 48 16.71 -40.19 -15.46
C GLY A 48 18.01 -40.06 -14.69
N TYR A 49 18.07 -40.53 -13.43
CA TYR A 49 19.24 -40.29 -12.57
C TYR A 49 20.48 -41.05 -13.03
N SER A 50 20.31 -42.14 -13.79
CA SER A 50 21.42 -42.91 -14.41
C SER A 50 21.51 -42.60 -15.90
N SER A 51 20.79 -41.60 -16.40
CA SER A 51 20.80 -41.11 -17.80
C SER A 51 21.75 -39.91 -17.93
N GLY A 52 22.34 -39.72 -19.10
CA GLY A 52 23.21 -38.56 -19.40
C GLY A 52 22.49 -37.23 -19.12
N ASP A 53 21.15 -37.23 -19.14
CA ASP A 53 20.32 -36.01 -18.97
C ASP A 53 20.56 -35.40 -17.60
N ILE A 54 20.89 -36.21 -16.59
CA ILE A 54 21.08 -35.67 -15.22
C ILE A 54 22.35 -34.79 -15.19
N ILE A 55 23.30 -34.95 -16.12
CA ILE A 55 24.62 -34.26 -15.98
C ILE A 55 24.43 -32.74 -16.11
N CYS A 56 23.95 -32.26 -17.26
CA CYS A 56 23.76 -30.82 -17.57
C CYS A 56 22.35 -30.57 -18.16
N HIS A 57 21.39 -31.43 -17.83
CA HIS A 57 19.99 -31.37 -18.31
C HIS A 57 19.86 -32.03 -19.69
N LYS A 58 18.63 -32.15 -20.18
CA LYS A 58 18.26 -33.03 -21.30
C LYS A 58 19.18 -32.79 -22.51
N SER A 59 19.84 -33.86 -22.97
CA SER A 59 20.67 -33.91 -24.20
C SER A 59 21.64 -32.71 -24.24
N ALA A 60 22.21 -32.34 -23.09
CA ALA A 60 23.03 -31.11 -22.96
C ALA A 60 24.28 -31.23 -23.84
N LYS A 61 24.67 -30.14 -24.50
CA LYS A 61 25.94 -30.06 -25.26
C LYS A 61 26.79 -28.90 -24.70
N ASN A 62 28.09 -29.10 -24.77
CA ASN A 62 29.12 -28.19 -24.22
C ASN A 62 28.80 -26.75 -24.61
N GLY A 63 28.85 -25.83 -23.63
CA GLY A 63 29.04 -24.41 -23.95
C GLY A 63 30.38 -24.28 -24.65
N ALA A 64 30.45 -23.39 -25.62
CA ALA A 64 31.62 -23.17 -26.49
C ALA A 64 32.66 -22.29 -25.80
N ILE A 65 32.28 -21.53 -24.77
CA ILE A 65 33.20 -20.53 -24.16
C ILE A 65 33.18 -20.70 -22.64
N SER A 66 34.11 -20.01 -21.99
CA SER A 66 34.22 -20.06 -20.52
C SER A 66 34.43 -18.65 -19.98
N ALA A 67 34.10 -18.50 -18.71
CA ALA A 67 34.18 -17.26 -17.92
C ALA A 67 35.34 -17.42 -16.94
N GLU A 68 36.31 -16.50 -17.01
CA GLU A 68 37.46 -16.54 -16.08
C GLU A 68 37.03 -16.08 -14.67
N ILE A 69 37.58 -16.72 -13.64
CA ILE A 69 37.24 -16.43 -12.22
C ILE A 69 38.47 -16.75 -11.37
N LYS A 70 38.93 -15.77 -10.60
CA LYS A 70 40.00 -15.98 -9.59
C LYS A 70 39.41 -16.94 -8.55
N ALA A 71 40.10 -18.03 -8.24
CA ALA A 71 39.68 -18.95 -7.16
C ALA A 71 39.40 -18.10 -5.93
N GLY A 72 38.32 -18.39 -5.21
CA GLY A 72 37.86 -17.52 -4.12
C GLY A 72 36.78 -16.55 -4.58
N GLY A 73 36.63 -16.33 -5.88
CA GLY A 73 35.64 -15.38 -6.39
C GLY A 73 34.26 -15.98 -6.34
N LYS A 74 33.22 -15.21 -6.61
CA LYS A 74 31.84 -15.68 -6.44
C LYS A 74 31.21 -15.95 -7.80
N VAL A 75 30.21 -16.81 -7.84
CA VAL A 75 29.30 -16.95 -8.99
C VAL A 75 27.88 -16.72 -8.48
N GLU A 76 27.18 -15.73 -9.05
CA GLU A 76 25.75 -15.47 -8.80
C GLU A 76 24.95 -15.99 -10.00
N PHE A 77 24.14 -17.01 -9.78
CA PHE A 77 23.21 -17.59 -10.78
C PHE A 77 21.90 -16.79 -10.80
N GLN A 78 21.49 -16.33 -11.98
CA GLN A 78 20.19 -15.63 -12.18
CA GLN A 78 20.18 -15.64 -12.15
C GLN A 78 19.21 -16.60 -12.82
N TRP A 79 18.18 -16.99 -12.09
CA TRP A 79 17.06 -17.81 -12.60
C TRP A 79 15.93 -16.94 -13.17
N THR A 80 15.06 -17.60 -13.92
CA THR A 80 13.69 -17.11 -14.16
C THR A 80 12.95 -17.08 -12.81
N GLU A 81 11.72 -16.55 -12.81
CA GLU A 81 10.86 -16.49 -11.62
C GLU A 81 10.55 -17.92 -11.16
N TRP A 82 11.12 -18.32 -10.02
CA TRP A 82 11.00 -19.71 -9.52
C TRP A 82 9.67 -19.88 -8.80
N PRO A 83 8.84 -20.89 -9.15
CA PRO A 83 7.55 -21.05 -8.47
C PRO A 83 7.72 -21.40 -6.99
N GLU A 84 6.99 -20.71 -6.12
CA GLU A 84 7.06 -20.92 -4.64
C GLU A 84 6.78 -22.39 -4.30
N SER A 85 5.86 -23.05 -5.02
CA SER A 85 5.47 -24.48 -4.78
C SER A 85 6.68 -25.42 -4.91
N HIS A 86 7.67 -25.04 -5.71
CA HIS A 86 8.86 -25.87 -6.01
C HIS A 86 9.92 -25.76 -4.89
N HIS A 87 9.51 -26.06 -3.66
CA HIS A 87 10.37 -26.05 -2.46
C HIS A 87 11.45 -27.14 -2.57
N GLY A 88 12.70 -26.79 -2.30
CA GLY A 88 13.73 -27.82 -2.22
C GLY A 88 15.10 -27.19 -2.14
N PRO A 89 16.12 -28.06 -2.10
CA PRO A 89 17.52 -27.64 -1.91
C PRO A 89 18.09 -27.04 -3.18
N VAL A 90 19.12 -26.24 -3.01
CA VAL A 90 19.94 -25.66 -4.09
C VAL A 90 21.37 -26.16 -3.87
N ILE A 91 21.87 -26.91 -4.85
CA ILE A 91 23.10 -27.76 -4.74
C ILE A 91 24.02 -27.34 -5.88
N THR A 92 25.28 -27.04 -5.59
CA THR A 92 26.21 -26.62 -6.67
C THR A 92 27.49 -27.43 -6.62
N TYR A 93 27.92 -27.90 -7.78
CA TYR A 93 29.09 -28.77 -7.99
C TYR A 93 30.10 -28.08 -8.91
N MET A 94 31.36 -28.52 -8.86
CA MET A 94 32.37 -28.26 -9.91
C MET A 94 32.94 -29.61 -10.38
N ALA A 95 33.27 -29.73 -11.67
CA ALA A 95 34.00 -30.90 -12.22
C ALA A 95 35.17 -30.41 -13.09
N ASN A 96 36.35 -30.96 -12.89
CA ASN A 96 37.52 -30.61 -13.72
C ASN A 96 37.29 -31.11 -15.16
N CYS A 97 37.45 -30.24 -16.15
CA CYS A 97 37.37 -30.61 -17.58
C CYS A 97 38.65 -31.30 -18.05
N ASN A 98 39.75 -31.22 -17.29
CA ASN A 98 41.03 -31.92 -17.65
C ASN A 98 41.38 -31.58 -19.09
N GLY A 99 41.42 -30.28 -19.38
CA GLY A 99 41.39 -29.75 -20.75
C GLY A 99 40.30 -28.70 -20.89
N ASP A 100 39.92 -28.41 -22.13
CA ASP A 100 38.90 -27.39 -22.46
C ASP A 100 37.52 -27.94 -22.11
N CYS A 101 36.70 -27.14 -21.43
CA CYS A 101 35.30 -27.54 -21.10
C CYS A 101 34.45 -27.52 -22.40
N ALA A 102 34.87 -26.79 -23.43
CA ALA A 102 34.20 -26.79 -24.75
C ALA A 102 34.20 -28.17 -25.36
N SER A 103 35.18 -29.05 -25.06
CA SER A 103 35.33 -30.34 -25.78
C SER A 103 35.33 -31.54 -24.82
N VAL A 104 35.14 -31.33 -23.51
CA VAL A 104 35.06 -32.42 -22.49
C VAL A 104 33.83 -33.29 -22.81
N ASP A 105 33.99 -34.61 -22.64
CA ASP A 105 32.90 -35.61 -22.67
C ASP A 105 32.15 -35.42 -21.36
N LYS A 106 30.92 -34.90 -21.38
CA LYS A 106 30.12 -34.66 -20.14
C LYS A 106 30.02 -35.94 -19.29
N THR A 107 30.06 -37.15 -19.88
CA THR A 107 29.92 -38.44 -19.14
C THR A 107 31.20 -38.79 -18.35
N SER A 108 32.34 -38.11 -18.63
CA SER A 108 33.65 -38.19 -17.89
C SER A 108 33.72 -37.24 -16.69
N LEU A 109 32.85 -36.22 -16.60
CA LEU A 109 32.93 -35.14 -15.59
C LEU A 109 32.70 -35.72 -14.18
N GLU A 110 33.64 -35.43 -13.28
CA GLU A 110 33.62 -35.90 -11.86
C GLU A 110 33.30 -34.70 -10.98
N PHE A 111 32.04 -34.58 -10.56
CA PHE A 111 31.45 -33.44 -9.82
C PHE A 111 31.74 -33.56 -8.32
N PHE A 112 32.33 -32.53 -7.74
CA PHE A 112 32.43 -32.42 -6.27
C PHE A 112 31.56 -31.24 -5.85
N LYS A 113 30.88 -31.39 -4.73
CA LYS A 113 29.99 -30.33 -4.18
C LYS A 113 30.84 -29.17 -3.65
N ILE A 114 30.47 -27.92 -4.00
CA ILE A 114 31.12 -26.68 -3.48
C ILE A 114 30.10 -25.86 -2.68
N ASP A 115 28.80 -26.16 -2.76
CA ASP A 115 27.78 -25.42 -1.99
C ASP A 115 26.48 -26.24 -1.92
N GLU A 116 25.79 -26.14 -0.79
CA GLU A 116 24.50 -26.85 -0.64
C GLU A 116 23.68 -26.12 0.41
N SER A 117 22.37 -26.11 0.21
CA SER A 117 21.41 -25.53 1.18
C SER A 117 20.13 -26.33 1.04
N GLY A 118 19.43 -26.58 2.13
CA GLY A 118 18.23 -27.41 2.09
C GLY A 118 17.05 -26.75 2.78
N LEU A 119 16.65 -27.32 3.92
CA LEU A 119 15.52 -26.81 4.73
C LEU A 119 16.06 -25.74 5.69
N ILE A 120 15.63 -24.49 5.51
CA ILE A 120 16.13 -23.33 6.30
C ILE A 120 15.31 -23.21 7.57
N SER A 121 13.99 -23.30 7.45
CA SER A 121 13.08 -23.16 8.60
C SER A 121 11.88 -24.10 8.42
N ASP A 122 11.54 -24.84 9.48
CA ASP A 122 10.46 -25.87 9.47
C ASP A 122 9.15 -25.29 9.98
N SER A 123 9.07 -24.00 10.30
CA SER A 123 8.06 -23.48 11.26
C SER A 123 6.64 -23.70 10.72
N ASN A 124 6.40 -23.41 9.43
CA ASN A 124 5.06 -23.47 8.78
C ASN A 124 5.05 -24.46 7.61
N VAL A 125 4.81 -25.74 7.89
CA VAL A 125 4.90 -26.84 6.90
C VAL A 125 4.33 -26.36 5.56
N PRO A 126 5.02 -26.55 4.41
CA PRO A 126 6.25 -27.34 4.30
C PRO A 126 7.53 -26.54 4.54
N GLY A 127 7.43 -25.28 4.94
CA GLY A 127 8.57 -24.49 5.46
C GLY A 127 9.30 -23.72 4.37
N THR A 128 10.42 -23.09 4.78
CA THR A 128 11.28 -22.20 3.97
C THR A 128 12.49 -23.03 3.59
N TRP A 129 12.72 -23.15 2.29
CA TRP A 129 13.82 -23.94 1.71
C TRP A 129 14.84 -23.00 1.08
N ALA A 130 15.97 -23.54 0.68
CA ALA A 130 16.95 -22.84 -0.17
C ALA A 130 16.18 -22.16 -1.33
N SER A 131 15.26 -22.87 -1.99
CA SER A 131 14.55 -22.35 -3.20
C SER A 131 13.73 -21.09 -2.85
N ASP A 132 13.22 -20.98 -1.62
CA ASP A 132 12.49 -19.78 -1.14
C ASP A 132 13.47 -18.63 -0.86
N ASN A 133 14.67 -18.92 -0.36
CA ASN A 133 15.74 -17.89 -0.25
C ASN A 133 16.06 -17.36 -1.65
N LEU A 134 16.18 -18.27 -2.61
CA LEU A 134 16.49 -17.96 -4.04
C LEU A 134 15.43 -16.99 -4.56
N ILE A 135 14.14 -17.31 -4.39
CA ILE A 135 13.00 -16.45 -4.81
C ILE A 135 13.16 -15.06 -4.18
N ALA A 136 13.38 -15.01 -2.86
CA ALA A 136 13.45 -13.78 -2.04
C ALA A 136 14.60 -12.90 -2.52
N ASN A 137 15.68 -13.50 -3.02
CA ASN A 137 16.88 -12.75 -3.50
C ASN A 137 16.76 -12.50 -5.03
N ASN A 138 15.57 -12.14 -5.52
CA ASN A 138 15.36 -11.77 -6.95
C ASN A 138 15.73 -12.99 -7.81
N ASN A 139 15.32 -14.18 -7.39
CA ASN A 139 15.53 -15.45 -8.15
C ASN A 139 17.00 -15.62 -8.50
N SER A 140 17.89 -15.45 -7.53
CA SER A 140 19.35 -15.62 -7.76
C SER A 140 20.01 -16.41 -6.60
N TRP A 141 21.17 -16.98 -6.89
CA TRP A 141 21.90 -17.76 -5.88
C TRP A 141 23.40 -17.54 -6.05
N THR A 142 24.07 -17.21 -4.96
CA THR A 142 25.51 -16.93 -4.95
C THR A 142 26.26 -18.10 -4.31
N VAL A 143 27.34 -18.54 -4.94
CA VAL A 143 28.29 -19.57 -4.41
C VAL A 143 29.71 -19.01 -4.54
N THR A 144 30.62 -19.59 -3.79
CA THR A 144 32.07 -19.31 -3.84
C THR A 144 32.79 -20.44 -4.57
N VAL A 145 33.59 -20.11 -5.59
CA VAL A 145 34.67 -21.04 -6.00
C VAL A 145 35.72 -21.03 -4.89
N PRO A 146 35.99 -22.17 -4.20
CA PRO A 146 36.99 -22.22 -3.13
C PRO A 146 38.36 -21.66 -3.57
N SER A 147 38.97 -20.87 -2.69
CA SER A 147 40.28 -20.22 -2.95
C SER A 147 41.37 -21.29 -3.08
N SER A 148 41.15 -22.46 -2.49
CA SER A 148 42.12 -23.58 -2.43
C SER A 148 41.99 -24.57 -3.60
N ILE A 149 40.99 -24.51 -4.50
CA ILE A 149 40.95 -25.52 -5.60
C ILE A 149 42.06 -25.19 -6.59
N ALA A 150 42.49 -26.21 -7.31
CA ALA A 150 43.55 -26.12 -8.33
C ALA A 150 43.02 -25.23 -9.46
N ALA A 151 43.84 -24.31 -9.97
CA ALA A 151 43.56 -23.63 -11.26
C ALA A 151 43.20 -24.70 -12.31
N GLY A 152 42.33 -24.38 -13.25
CA GLY A 152 41.89 -25.33 -14.29
C GLY A 152 40.56 -24.94 -14.92
N ASN A 153 40.12 -25.67 -15.94
CA ASN A 153 38.79 -25.48 -16.54
C ASN A 153 37.81 -26.38 -15.80
N TYR A 154 36.67 -25.82 -15.41
CA TYR A 154 35.64 -26.55 -14.67
C TYR A 154 34.26 -26.22 -15.23
N VAL A 155 33.43 -27.25 -15.32
CA VAL A 155 31.96 -27.11 -15.45
C VAL A 155 31.42 -26.95 -14.03
N MET A 156 30.67 -25.89 -13.79
CA MET A 156 29.91 -25.66 -12.55
C MET A 156 28.48 -26.08 -12.89
N ARG A 157 27.99 -27.05 -12.14
CA ARG A 157 26.64 -27.64 -12.29
C ARG A 157 25.82 -27.13 -11.11
N HIS A 158 24.90 -26.22 -11.39
CA HIS A 158 24.02 -25.55 -10.40
C HIS A 158 22.63 -26.18 -10.51
N GLU A 159 21.98 -26.49 -9.39
CA GLU A 159 20.77 -27.35 -9.47
C GLU A 159 19.80 -26.94 -8.36
N ILE A 160 18.53 -26.89 -8.70
CA ILE A 160 17.41 -26.86 -7.72
C ILE A 160 16.75 -28.22 -7.83
N ILE A 161 16.46 -28.86 -6.70
CA ILE A 161 15.63 -30.09 -6.71
C ILE A 161 14.31 -29.69 -6.09
N ALA A 162 13.24 -29.61 -6.88
CA ALA A 162 11.88 -29.32 -6.37
C ALA A 162 11.29 -30.60 -5.78
N LEU A 163 10.76 -30.50 -4.56
CA LEU A 163 10.34 -31.68 -3.78
C LEU A 163 8.81 -31.73 -3.62
N HIS A 164 8.07 -30.90 -4.33
CA HIS A 164 6.60 -30.79 -4.12
C HIS A 164 5.87 -32.08 -4.49
N SER A 165 6.40 -32.95 -5.37
CA SER A 165 5.85 -34.29 -5.69
C SER A 165 6.79 -35.42 -5.28
N ALA A 166 7.79 -35.13 -4.43
CA ALA A 166 8.91 -36.04 -4.04
C ALA A 166 8.42 -37.15 -3.11
N GLY A 167 7.19 -37.05 -2.61
CA GLY A 167 6.53 -38.10 -1.82
C GLY A 167 6.49 -39.45 -2.53
N ASN A 168 6.49 -39.47 -3.86
CA ASN A 168 6.39 -40.71 -4.66
C ASN A 168 7.71 -40.96 -5.36
N GLN A 169 7.96 -42.23 -5.69
CA GLN A 169 9.22 -42.63 -6.36
C GLN A 169 9.27 -41.88 -7.69
N ASN A 170 10.43 -41.28 -7.99
CA ASN A 170 10.70 -40.50 -9.22
C ASN A 170 9.92 -39.18 -9.22
N GLY A 171 9.46 -38.70 -8.07
CA GLY A 171 8.61 -37.51 -7.96
C GLY A 171 9.43 -36.23 -7.82
N ALA A 172 10.63 -36.32 -7.26
CA ALA A 172 11.58 -35.17 -7.17
C ALA A 172 11.90 -34.68 -8.59
N GLN A 173 12.06 -33.38 -8.74
CA GLN A 173 12.29 -32.73 -10.07
C GLN A 173 13.65 -32.01 -10.02
N ASN A 174 14.62 -32.48 -10.77
CA ASN A 174 15.99 -31.91 -10.79
C ASN A 174 16.08 -30.91 -11.95
N TYR A 175 16.65 -29.74 -11.67
CA TYR A 175 16.86 -28.66 -12.66
C TYR A 175 18.35 -28.30 -12.67
N PRO A 176 19.21 -29.18 -13.22
CA PRO A 176 20.63 -28.85 -13.39
C PRO A 176 20.88 -27.85 -14.53
N GLN A 177 21.81 -26.95 -14.30
CA GLN A 177 22.28 -25.96 -15.27
C GLN A 177 23.80 -25.83 -15.13
N CYS A 178 24.49 -26.02 -16.22
CA CYS A 178 25.96 -26.10 -16.31
C CYS A 178 26.52 -24.83 -16.93
N ILE A 179 27.61 -24.34 -16.35
CA ILE A 179 28.39 -23.25 -17.00
C ILE A 179 29.86 -23.64 -17.02
N ASN A 180 30.60 -23.03 -17.94
CA ASN A 180 32.07 -23.26 -18.08
C ASN A 180 32.84 -22.14 -17.37
N LEU A 181 33.77 -22.54 -16.52
CA LEU A 181 34.62 -21.60 -15.74
C LEU A 181 36.08 -21.90 -16.06
N LYS A 182 36.86 -20.83 -16.09
CA LYS A 182 38.34 -20.90 -16.17
C LYS A 182 38.83 -20.32 -14.86
N VAL A 183 39.16 -21.22 -13.92
CA VAL A 183 39.63 -20.87 -12.57
C VAL A 183 41.14 -20.57 -12.63
N THR A 184 41.54 -19.38 -12.22
CA THR A 184 42.93 -18.90 -12.19
C THR A 184 43.37 -18.83 -10.72
N GLY A 185 44.69 -18.77 -10.51
CA GLY A 185 45.27 -18.64 -9.17
C GLY A 185 45.08 -19.93 -8.40
N GLY A 186 44.45 -19.85 -7.23
CA GLY A 186 44.01 -21.04 -6.48
C GLY A 186 45.13 -21.75 -5.73
N GLY A 187 44.85 -22.96 -5.27
CA GLY A 187 45.80 -23.83 -4.52
C GLY A 187 46.00 -25.13 -5.27
N SER A 188 45.98 -26.27 -4.56
CA SER A 188 46.18 -27.59 -5.20
C SER A 188 45.04 -28.55 -4.83
N ASP A 189 43.95 -28.09 -4.23
CA ASP A 189 42.92 -29.06 -3.80
CA ASP A 189 42.84 -29.00 -3.81
C ASP A 189 42.24 -29.65 -5.04
N LYS A 190 42.21 -30.98 -5.09
CA LYS A 190 41.52 -31.78 -6.12
C LYS A 190 40.52 -32.67 -5.39
N PRO A 191 39.35 -32.15 -4.97
CA PRO A 191 38.36 -32.97 -4.28
C PRO A 191 37.92 -34.18 -5.13
N ALA A 192 37.53 -35.24 -4.44
CA ALA A 192 36.95 -36.45 -5.03
C ALA A 192 35.64 -36.07 -5.74
N GLY A 193 35.56 -36.42 -7.01
CA GLY A 193 34.41 -36.13 -7.88
C GLY A 193 33.56 -37.37 -8.07
N THR A 194 32.29 -37.15 -8.38
CA THR A 194 31.24 -38.16 -8.68
C THR A 194 30.64 -37.93 -10.06
N LEU A 195 30.65 -38.93 -10.93
CA LEU A 195 29.93 -38.86 -12.23
C LEU A 195 28.52 -38.34 -11.97
N GLY A 196 28.05 -37.45 -12.85
CA GLY A 196 26.66 -36.99 -12.92
C GLY A 196 25.66 -38.13 -12.72
N THR A 197 25.89 -39.24 -13.40
CA THR A 197 24.98 -40.41 -13.38
C THR A 197 25.11 -41.22 -12.08
N ALA A 198 25.98 -40.84 -11.14
CA ALA A 198 26.10 -41.49 -9.84
C ALA A 198 25.73 -40.52 -8.70
N LEU A 199 25.19 -39.34 -8.98
CA LEU A 199 24.98 -38.32 -7.91
C LEU A 199 23.80 -38.77 -7.03
N TYR A 200 22.73 -39.26 -7.62
CA TYR A 200 21.46 -39.47 -6.89
C TYR A 200 20.88 -40.83 -7.22
N LYS A 201 20.14 -41.41 -6.27
CA LYS A 201 19.23 -42.56 -6.50
C LYS A 201 17.84 -42.10 -6.09
N ASN A 202 16.79 -42.67 -6.69
CA ASN A 202 15.37 -42.32 -6.41
C ASN A 202 14.92 -42.81 -5.03
N THR A 203 15.78 -43.52 -4.31
CA THR A 203 15.49 -43.96 -2.93
C THR A 203 16.14 -43.03 -1.91
N ASP A 204 16.98 -42.07 -2.32
CA ASP A 204 17.81 -41.30 -1.36
C ASP A 204 16.92 -40.55 -0.36
N ALA A 205 17.40 -40.40 0.88
CA ALA A 205 16.70 -39.74 2.02
C ALA A 205 16.16 -38.36 1.60
N GLY A 206 16.93 -37.62 0.79
CA GLY A 206 16.62 -36.23 0.38
C GLY A 206 15.93 -36.12 -0.97
N ILE A 207 15.58 -37.25 -1.59
CA ILE A 207 14.94 -37.33 -2.93
C ILE A 207 13.53 -37.92 -2.77
N LEU A 208 13.42 -39.07 -2.11
CA LEU A 208 12.12 -39.68 -1.74
C LEU A 208 11.76 -39.20 -0.34
N VAL A 209 11.01 -38.10 -0.24
CA VAL A 209 10.80 -37.33 1.00
C VAL A 209 9.43 -36.66 0.92
N ASN A 210 8.75 -36.55 2.06
CA ASN A 210 7.43 -35.90 2.14
C ASN A 210 7.58 -34.57 2.89
N ILE A 211 7.60 -33.47 2.16
CA ILE A 211 7.86 -32.13 2.76
C ILE A 211 6.59 -31.60 3.43
N TYR A 212 5.46 -32.29 3.27
CA TYR A 212 4.13 -31.83 3.76
C TYR A 212 3.85 -32.41 5.15
N GLN A 213 4.76 -33.23 5.68
CA GLN A 213 4.80 -33.54 7.15
C GLN A 213 6.10 -32.97 7.72
N SER A 214 6.04 -32.39 8.92
CA SER A 214 7.19 -31.64 9.50
C SER A 214 8.42 -32.55 9.52
N LEU A 215 9.57 -32.02 9.10
CA LEU A 215 10.80 -32.84 9.00
C LEU A 215 11.68 -32.42 10.17
N SER A 216 12.09 -33.37 11.02
CA SER A 216 13.05 -33.09 12.11
C SER A 216 14.38 -32.69 11.46
N SER A 217 14.75 -33.35 10.37
CA SER A 217 15.95 -33.00 9.56
C SER A 217 15.69 -33.30 8.07
N TYR A 218 16.49 -32.67 7.23
CA TYR A 218 16.53 -32.95 5.78
C TYR A 218 17.97 -33.30 5.42
N ASP A 219 18.17 -34.42 4.72
CA ASP A 219 19.51 -34.89 4.28
C ASP A 219 19.68 -34.47 2.82
N ILE A 220 20.37 -33.35 2.60
CA ILE A 220 20.63 -32.78 1.24
C ILE A 220 21.27 -33.91 0.45
N PRO A 221 20.72 -34.28 -0.72
CA PRO A 221 21.26 -35.42 -1.46
C PRO A 221 22.58 -35.10 -2.19
N GLY A 222 23.20 -36.15 -2.72
CA GLY A 222 24.47 -36.09 -3.47
C GLY A 222 25.66 -36.41 -2.57
N PRO A 223 26.87 -36.45 -3.15
CA PRO A 223 28.08 -36.74 -2.37
C PRO A 223 28.41 -35.62 -1.37
N ALA A 224 29.37 -35.86 -0.46
CA ALA A 224 29.63 -34.99 0.69
C ALA A 224 30.30 -33.69 0.24
N LEU A 225 29.90 -32.56 0.81
CA LEU A 225 30.60 -31.28 0.65
C LEU A 225 32.03 -31.54 1.15
N TYR A 226 33.04 -31.32 0.33
CA TYR A 226 34.42 -31.78 0.68
C TYR A 226 34.89 -30.97 1.89
N SER A 227 35.09 -31.63 3.04
CA SER A 227 35.33 -30.97 4.36
C SER A 227 36.65 -30.19 4.34
N GLY A 228 37.61 -30.57 3.48
CA GLY A 228 38.92 -29.90 3.39
C GLY A 228 38.73 -28.41 3.28
N HIS A 229 38.38 -27.95 2.08
CA HIS A 229 38.10 -26.53 1.69
C HIS A 229 38.15 -25.59 2.89
N HIS B 1 14.26 8.95 2.48
CA HIS B 1 14.81 8.56 3.75
C HIS B 1 15.24 7.07 3.67
N GLY B 2 16.49 6.84 4.04
CA GLY B 2 17.12 5.52 4.12
C GLY B 2 18.61 5.68 4.29
N PHE B 3 19.33 4.57 4.26
CA PHE B 3 20.80 4.49 4.51
C PHE B 3 21.25 3.12 4.03
N VAL B 4 22.56 2.98 3.94
CA VAL B 4 23.28 1.74 3.55
C VAL B 4 23.40 0.84 4.80
N SER B 5 22.70 -0.29 4.80
CA SER B 5 22.68 -1.32 5.88
C SER B 5 23.83 -2.32 5.72
N GLY B 6 24.41 -2.38 4.53
CA GLY B 6 25.40 -3.40 4.19
C GLY B 6 26.11 -3.10 2.88
N ALA B 7 27.31 -3.62 2.71
CA ALA B 7 28.00 -3.57 1.40
C ALA B 7 28.61 -4.94 1.16
N VAL B 8 28.40 -5.50 -0.02
CA VAL B 8 29.15 -6.72 -0.45
C VAL B 8 30.38 -6.24 -1.22
N VAL B 9 31.53 -6.38 -0.58
CA VAL B 9 32.81 -5.82 -1.08
C VAL B 9 33.61 -7.02 -1.58
N ASP B 10 33.83 -7.09 -2.89
CA ASP B 10 34.59 -8.18 -3.57
C ASP B 10 33.98 -9.53 -3.14
N GLY B 11 32.65 -9.60 -3.09
CA GLY B 11 31.86 -10.82 -2.81
C GLY B 11 31.58 -11.07 -1.33
N LYS B 12 32.21 -10.36 -0.40
CA LYS B 12 31.95 -10.58 1.04
C LYS B 12 31.04 -9.49 1.61
N TYR B 13 29.98 -9.88 2.34
CA TYR B 13 29.04 -8.93 2.98
C TYR B 13 29.68 -8.35 4.25
N TYR B 14 29.64 -7.04 4.41
CA TYR B 14 29.97 -6.30 5.66
C TYR B 14 28.74 -5.52 6.13
N THR B 15 28.42 -5.62 7.43
CA THR B 15 27.37 -4.81 8.09
C THR B 15 27.79 -3.33 8.09
N GLY B 16 26.93 -2.45 7.58
CA GLY B 16 27.19 -1.01 7.52
C GLY B 16 26.95 -0.33 8.85
N TYR B 17 26.94 1.00 8.84
CA TYR B 17 26.61 1.82 10.02
C TYR B 17 25.10 1.84 10.15
N LEU B 18 24.57 1.05 11.10
CA LEU B 18 23.11 0.91 11.28
C LEU B 18 22.66 2.13 12.11
N VAL B 19 22.39 3.23 11.40
CA VAL B 19 22.09 4.56 11.99
C VAL B 19 20.76 4.49 12.76
N ASN B 20 19.90 3.50 12.50
CA ASN B 20 18.64 3.36 13.26
C ASN B 20 18.87 2.55 14.55
N GLN B 21 20.09 2.13 14.89
CA GLN B 21 20.36 1.21 16.02
C GLN B 21 21.64 1.63 16.76
N TYR B 22 22.76 1.73 16.06
CA TYR B 22 24.07 1.95 16.72
C TYR B 22 24.06 3.20 17.60
N PRO B 23 23.46 4.36 17.19
CA PRO B 23 23.45 5.56 18.04
C PRO B 23 22.80 5.39 19.42
N TYR B 24 21.99 4.37 19.62
CA TYR B 24 21.23 4.09 20.87
C TYR B 24 21.93 3.04 21.75
N MET B 25 22.99 2.40 21.24
CA MET B 25 23.72 1.32 21.99
C MET B 25 24.73 1.96 22.96
N SER B 26 25.06 1.25 24.06
CA SER B 26 26.15 1.58 25.00
C SER B 26 27.47 1.63 24.24
N SER B 27 27.71 0.63 23.40
CA SER B 27 28.96 0.48 22.62
C SER B 27 28.64 -0.23 21.31
N PRO B 28 28.67 0.48 20.17
CA PRO B 28 28.32 -0.13 18.90
C PRO B 28 29.45 -1.01 18.37
N PRO B 29 29.16 -1.97 17.46
CA PRO B 29 30.24 -2.67 16.80
C PRO B 29 31.05 -1.71 15.92
N GLU B 30 32.25 -2.14 15.55
CA GLU B 30 33.08 -1.47 14.51
C GLU B 30 32.43 -1.77 13.15
N SER B 31 32.61 -0.89 12.17
CA SER B 31 32.00 -1.03 10.81
C SER B 31 32.92 -0.36 9.79
N ILE B 32 32.96 -0.91 8.58
CA ILE B 32 33.62 -0.24 7.43
C ILE B 32 32.81 1.03 7.11
N GLY B 33 31.53 1.07 7.47
CA GLY B 33 30.71 2.29 7.31
C GLY B 33 31.00 3.33 8.38
N TRP B 34 31.09 4.59 7.96
CA TRP B 34 31.32 5.76 8.84
C TRP B 34 30.13 5.98 9.77
N SER B 35 30.37 6.34 11.02
CA SER B 35 29.26 6.79 11.89
C SER B 35 28.77 8.15 11.37
N GLU B 36 27.48 8.42 11.53
CA GLU B 36 26.88 9.73 11.21
C GLU B 36 25.60 9.85 12.02
N THR B 37 25.15 11.08 12.22
CA THR B 37 24.16 11.44 13.25
C THR B 37 22.82 11.81 12.59
N ALA B 38 22.62 11.54 11.30
CA ALA B 38 21.30 11.70 10.66
C ALA B 38 20.39 10.54 11.07
N THR B 39 20.04 10.52 12.35
CA THR B 39 19.24 9.43 12.97
C THR B 39 17.77 9.45 12.49
N ASP B 40 17.33 10.49 11.80
CA ASP B 40 16.05 10.53 11.06
C ASP B 40 16.14 9.79 9.71
N LEU B 41 17.32 9.28 9.34
CA LEU B 41 17.58 8.59 8.04
C LEU B 41 17.49 9.64 6.93
N GLY B 42 17.73 10.90 7.28
CA GLY B 42 17.51 12.06 6.39
C GLY B 42 18.75 12.38 5.59
N PHE B 43 18.90 13.65 5.19
CA PHE B 43 19.74 14.08 4.04
C PHE B 43 20.56 15.31 4.42
N VAL B 44 21.53 15.60 3.58
CA VAL B 44 22.24 16.91 3.54
C VAL B 44 21.70 17.64 2.30
N ASP B 45 21.09 18.82 2.48
CA ASP B 45 20.60 19.64 1.35
C ASP B 45 21.65 20.70 1.01
N GLY B 46 21.35 21.56 0.02
CA GLY B 46 22.30 22.56 -0.52
C GLY B 46 22.79 23.55 0.52
N SER B 47 22.06 23.76 1.60
CA SER B 47 22.53 24.58 2.76
C SER B 47 23.80 23.97 3.39
N GLY B 48 24.09 22.68 3.16
CA GLY B 48 25.25 21.99 3.72
C GLY B 48 26.30 21.55 2.68
N TYR B 49 26.19 21.97 1.41
CA TYR B 49 27.16 21.58 0.35
C TYR B 49 28.59 22.11 0.59
N SER B 50 28.81 23.17 1.37
CA SER B 50 30.19 23.58 1.73
C SER B 50 30.51 23.23 3.19
N SER B 51 29.63 22.47 3.84
CA SER B 51 29.75 21.97 5.24
C SER B 51 30.45 20.61 5.21
N GLY B 52 31.14 20.26 6.30
CA GLY B 52 31.72 18.91 6.44
C GLY B 52 30.67 17.83 6.27
N ASP B 53 29.41 18.12 6.55
CA ASP B 53 28.32 17.12 6.55
C ASP B 53 28.16 16.49 5.14
N ILE B 54 28.41 17.22 4.06
CA ILE B 54 28.29 16.65 2.68
C ILE B 54 29.30 15.52 2.43
N ILE B 55 30.41 15.46 3.17
CA ILE B 55 31.52 14.50 2.92
C ILE B 55 31.03 13.07 3.16
N CYS B 56 30.61 12.74 4.37
CA CYS B 56 30.17 11.37 4.72
C CYS B 56 28.88 11.42 5.55
N HIS B 57 28.10 12.49 5.38
CA HIS B 57 26.81 12.71 6.08
C HIS B 57 27.08 13.33 7.47
N LYS B 58 26.00 13.62 8.20
CA LYS B 58 26.01 14.62 9.31
C LYS B 58 26.98 14.17 10.40
N SER B 59 27.92 15.06 10.75
CA SER B 59 28.89 14.86 11.86
C SER B 59 29.56 13.50 11.70
N ALA B 60 29.84 13.07 10.48
CA ALA B 60 30.36 11.71 10.24
C ALA B 60 31.74 11.56 10.88
N LYS B 61 31.97 10.37 11.46
CA LYS B 61 33.30 9.96 11.99
C LYS B 61 33.76 8.64 11.34
N ASN B 62 35.08 8.57 11.14
CA ASN B 62 35.79 7.48 10.42
C ASN B 62 35.28 6.13 10.89
N GLY B 63 34.94 5.26 9.93
CA GLY B 63 34.89 3.82 10.17
C GLY B 63 36.20 3.36 10.79
N ALA B 64 36.13 2.47 11.78
CA ALA B 64 37.32 1.94 12.49
C ALA B 64 38.04 0.91 11.62
N ILE B 65 37.34 0.25 10.67
CA ILE B 65 37.88 -0.92 9.91
C ILE B 65 37.60 -0.74 8.42
N SER B 66 38.27 -1.55 7.60
CA SER B 66 38.22 -1.52 6.12
C SER B 66 37.90 -2.90 5.57
N ALA B 67 37.32 -2.93 4.38
CA ALA B 67 37.02 -4.16 3.63
C ALA B 67 38.01 -4.32 2.47
N GLU B 68 38.67 -5.46 2.40
CA GLU B 68 39.63 -5.77 1.29
C GLU B 68 38.90 -5.93 -0.05
N ILE B 69 39.46 -5.36 -1.11
CA ILE B 69 38.91 -5.52 -2.48
C ILE B 69 40.08 -5.38 -3.44
N LYS B 70 40.21 -6.35 -4.34
CA LYS B 70 41.17 -6.24 -5.46
C LYS B 70 40.67 -5.15 -6.42
N ALA B 71 41.52 -4.19 -6.85
CA ALA B 71 41.13 -3.18 -7.87
C ALA B 71 40.52 -3.94 -9.07
N GLY B 72 39.43 -3.45 -9.63
CA GLY B 72 38.68 -4.14 -10.69
C GLY B 72 37.49 -4.89 -10.11
N GLY B 73 37.50 -5.17 -8.81
CA GLY B 73 36.40 -5.88 -8.16
C GLY B 73 35.20 -4.97 -7.92
N LYS B 74 34.09 -5.57 -7.44
CA LYS B 74 32.80 -4.86 -7.34
C LYS B 74 32.44 -4.61 -5.88
N VAL B 75 31.75 -3.50 -5.62
CA VAL B 75 31.05 -3.22 -4.34
C VAL B 75 29.55 -3.14 -4.63
N GLU B 76 28.75 -3.92 -3.92
CA GLU B 76 27.27 -3.84 -4.03
C GLU B 76 26.76 -3.21 -2.73
N PHE B 77 26.17 -2.02 -2.83
CA PHE B 77 25.59 -1.29 -1.69
C PHE B 77 24.17 -1.80 -1.48
N GLN B 78 23.86 -2.18 -0.26
CA GLN B 78 22.48 -2.59 0.15
CA GLN B 78 22.49 -2.58 0.13
C GLN B 78 21.89 -1.44 0.96
N TRP B 79 20.80 -0.87 0.46
CA TRP B 79 20.06 0.22 1.10
C TRP B 79 18.88 -0.40 1.84
N THR B 80 18.38 0.36 2.81
CA THR B 80 16.99 0.17 3.29
C THR B 80 16.05 0.37 2.10
N GLU B 81 14.78 0.01 2.27
CA GLU B 81 13.84 0.09 1.14
C GLU B 81 13.68 1.56 0.73
N TRP B 82 14.14 1.89 -0.47
CA TRP B 82 14.20 3.28 -1.00
C TRP B 82 12.79 3.69 -1.44
N PRO B 83 12.29 4.87 -0.97
CA PRO B 83 10.99 5.34 -1.39
C PRO B 83 11.00 5.73 -2.88
N GLU B 84 10.06 5.16 -3.62
CA GLU B 84 9.90 5.40 -5.07
C GLU B 84 9.84 6.91 -5.36
N SER B 85 9.21 7.71 -4.48
CA SER B 85 9.05 9.16 -4.70
C SER B 85 10.43 9.81 -4.88
N HIS B 86 11.46 9.23 -4.25
CA HIS B 86 12.83 9.82 -4.14
C HIS B 86 13.63 9.49 -5.41
N HIS B 87 13.06 9.85 -6.58
CA HIS B 87 13.69 9.71 -7.92
C HIS B 87 14.95 10.57 -7.97
N GLY B 88 16.05 10.00 -8.41
CA GLY B 88 17.27 10.81 -8.62
C GLY B 88 18.45 9.95 -9.02
N PRO B 89 19.62 10.58 -9.26
CA PRO B 89 20.82 9.86 -9.60
C PRO B 89 21.44 9.08 -8.42
N VAL B 90 22.31 8.15 -8.78
CA VAL B 90 23.16 7.34 -7.86
C VAL B 90 24.60 7.56 -8.31
N ILE B 91 25.40 8.13 -7.42
CA ILE B 91 26.75 8.66 -7.75
C ILE B 91 27.72 8.11 -6.73
N THR B 92 28.87 7.61 -7.21
CA THR B 92 29.85 6.96 -6.31
C THR B 92 31.24 7.52 -6.60
N TYR B 93 31.94 7.81 -5.53
CA TYR B 93 33.29 8.41 -5.55
C TYR B 93 34.24 7.55 -4.73
N MET B 94 35.53 7.73 -4.96
CA MET B 94 36.59 7.18 -4.12
C MET B 94 37.56 8.31 -3.81
N ALA B 95 38.16 8.27 -2.61
CA ALA B 95 39.23 9.20 -2.17
C ALA B 95 40.33 8.44 -1.42
N ASN B 96 41.57 8.64 -1.87
CA ASN B 96 42.76 8.02 -1.25
C ASN B 96 42.92 8.59 0.16
N CYS B 97 43.05 7.73 1.18
CA CYS B 97 43.20 8.18 2.58
C CYS B 97 44.63 8.65 2.87
N ASN B 98 45.55 8.43 1.92
CA ASN B 98 46.99 8.80 2.03
C ASN B 98 47.50 8.28 3.39
N GLY B 99 47.20 7.02 3.69
CA GLY B 99 47.40 6.41 5.01
C GLY B 99 46.16 5.67 5.42
N ASP B 100 45.82 5.70 6.72
CA ASP B 100 44.75 4.85 7.29
C ASP B 100 43.42 5.59 7.14
N CYS B 101 42.38 4.95 6.60
CA CYS B 101 41.04 5.58 6.48
C CYS B 101 40.41 5.69 7.86
N ALA B 102 40.91 4.93 8.85
CA ALA B 102 40.37 4.96 10.23
C ALA B 102 40.76 6.28 10.91
N SER B 103 41.81 6.96 10.45
CA SER B 103 42.33 8.17 11.14
C SER B 103 42.40 9.39 10.20
N VAL B 104 42.17 9.24 8.89
CA VAL B 104 42.24 10.37 7.90
C VAL B 104 41.32 11.53 8.31
N ASP B 105 41.76 12.76 8.12
CA ASP B 105 40.91 13.98 8.21
C ASP B 105 39.93 13.98 7.02
N LYS B 106 38.64 13.76 7.24
CA LYS B 106 37.65 13.66 6.12
C LYS B 106 37.67 14.94 5.27
N THR B 107 38.02 16.08 5.87
CA THR B 107 37.96 17.38 5.16
C THR B 107 39.12 17.44 4.18
N SER B 108 40.08 16.51 4.26
CA SER B 108 41.23 16.45 3.30
C SER B 108 40.98 15.44 2.16
N LEU B 109 39.89 14.66 2.17
CA LEU B 109 39.69 13.62 1.13
C LEU B 109 39.37 14.29 -0.21
N GLU B 110 40.06 13.86 -1.26
CA GLU B 110 39.88 14.33 -2.66
C GLU B 110 39.19 13.22 -3.45
N PHE B 111 37.89 13.36 -3.61
CA PHE B 111 37.04 12.36 -4.30
C PHE B 111 37.15 12.47 -5.82
N PHE B 112 37.34 11.33 -6.46
CA PHE B 112 37.18 11.16 -7.92
C PHE B 112 35.96 10.25 -8.14
N LYS B 113 35.19 10.61 -9.13
CA LYS B 113 33.92 9.91 -9.44
C LYS B 113 34.25 8.62 -10.18
N ILE B 114 33.70 7.51 -9.71
CA ILE B 114 33.97 6.17 -10.31
C ILE B 114 32.66 5.60 -10.88
N ASP B 115 31.50 6.17 -10.60
CA ASP B 115 30.23 5.62 -11.13
C ASP B 115 29.16 6.69 -11.05
N GLU B 116 28.36 6.86 -12.10
CA GLU B 116 27.19 7.77 -12.07
C GLU B 116 26.08 7.23 -12.97
N SER B 117 24.84 7.34 -12.51
CA SER B 117 23.65 6.99 -13.32
C SER B 117 22.55 7.99 -12.95
N GLY B 118 21.82 8.50 -13.94
CA GLY B 118 20.89 9.61 -13.73
C GLY B 118 19.49 9.24 -14.16
N LEU B 119 19.03 9.84 -15.25
CA LEU B 119 17.68 9.58 -15.81
C LEU B 119 17.83 8.48 -16.86
N ILE B 120 17.21 7.32 -16.65
CA ILE B 120 17.42 6.12 -17.50
C ILE B 120 16.39 6.17 -18.64
N SER B 121 15.12 6.40 -18.33
CA SER B 121 13.98 6.38 -19.28
C SER B 121 13.02 7.52 -18.98
N ASP B 122 12.62 8.25 -20.02
CA ASP B 122 11.79 9.50 -19.95
C ASP B 122 10.34 9.19 -20.35
N SER B 123 9.93 7.92 -20.39
CA SER B 123 8.65 7.48 -20.99
C SER B 123 7.46 8.13 -20.25
N ASN B 124 7.31 7.84 -18.95
CA ASN B 124 6.23 8.38 -18.08
C ASN B 124 6.84 9.30 -17.02
N VAL B 125 6.35 10.54 -16.94
CA VAL B 125 6.83 11.57 -15.97
C VAL B 125 6.47 11.07 -14.56
N PRO B 126 7.37 11.14 -13.55
CA PRO B 126 8.71 11.75 -13.68
C PRO B 126 9.84 10.87 -14.23
N GLY B 127 9.56 9.63 -14.62
CA GLY B 127 10.55 8.79 -15.32
C GLY B 127 11.23 7.78 -14.46
N THR B 128 12.05 6.92 -15.06
CA THR B 128 12.81 5.81 -14.42
C THR B 128 14.24 6.34 -14.21
N TRP B 129 14.65 6.53 -12.96
CA TRP B 129 15.99 7.06 -12.59
C TRP B 129 16.86 5.92 -12.08
N ALA B 130 18.15 6.20 -11.91
CA ALA B 130 19.08 5.28 -11.24
C ALA B 130 18.43 4.77 -9.93
N SER B 131 17.79 5.65 -9.16
CA SER B 131 17.12 5.28 -7.89
C SER B 131 16.04 4.21 -8.13
N ASP B 132 15.40 4.21 -9.29
CA ASP B 132 14.33 3.22 -9.60
C ASP B 132 14.96 1.87 -9.96
N ASN B 133 16.09 1.87 -10.68
CA ASN B 133 16.90 0.65 -10.94
C ASN B 133 17.34 0.08 -9.58
N LEU B 134 17.78 0.95 -8.70
CA LEU B 134 18.23 0.58 -7.32
C LEU B 134 17.05 -0.13 -6.63
N ILE B 135 15.86 0.44 -6.67
CA ILE B 135 14.67 -0.20 -6.03
C ILE B 135 14.44 -1.57 -6.67
N ALA B 136 14.42 -1.65 -8.01
CA ALA B 136 14.11 -2.91 -8.74
C ALA B 136 15.11 -4.03 -8.38
N ASN B 137 16.36 -3.69 -8.10
CA ASN B 137 17.44 -4.65 -7.79
C ASN B 137 17.49 -4.83 -6.26
N ASN B 138 16.32 -5.00 -5.63
CA ASN B 138 16.21 -5.22 -4.16
C ASN B 138 16.99 -4.13 -3.38
N ASN B 139 16.85 -2.87 -3.81
CA ASN B 139 17.38 -1.69 -3.08
C ASN B 139 18.90 -1.80 -3.00
N SER B 140 19.56 -2.12 -4.13
CA SER B 140 21.03 -2.35 -4.17
C SER B 140 21.65 -1.69 -5.41
N TRP B 141 22.93 -1.38 -5.29
CA TRP B 141 23.66 -0.68 -6.37
C TRP B 141 25.05 -1.28 -6.44
N THR B 142 25.45 -1.70 -7.64
CA THR B 142 26.79 -2.27 -7.89
C THR B 142 27.66 -1.27 -8.65
N VAL B 143 28.87 -1.05 -8.15
CA VAL B 143 29.92 -0.25 -8.83
C VAL B 143 31.17 -1.09 -8.97
N THR B 144 32.13 -0.57 -9.74
CA THR B 144 33.43 -1.22 -9.98
C THR B 144 34.53 -0.31 -9.46
N VAL B 145 35.40 -0.85 -8.62
CA VAL B 145 36.68 -0.17 -8.26
C VAL B 145 37.57 -0.24 -9.51
N PRO B 146 37.93 0.89 -10.15
CA PRO B 146 38.74 0.84 -11.35
C PRO B 146 40.02 0.01 -11.15
N SER B 147 40.36 -0.83 -12.12
CA SER B 147 41.48 -1.79 -12.02
C SER B 147 42.80 -1.01 -12.08
N SER B 148 42.79 0.24 -12.54
CA SER B 148 44.05 0.95 -12.86
C SER B 148 44.46 1.86 -11.70
N ILE B 149 43.67 1.97 -10.63
CA ILE B 149 44.03 2.91 -9.53
C ILE B 149 45.10 2.27 -8.64
N ALA B 150 45.95 3.13 -8.06
CA ALA B 150 46.99 2.81 -7.08
C ALA B 150 46.35 2.06 -5.92
N ALA B 151 46.94 0.93 -5.51
CA ALA B 151 46.53 0.25 -4.27
C ALA B 151 46.68 1.23 -3.10
N GLY B 152 45.79 1.11 -2.13
CA GLY B 152 45.84 1.89 -0.88
C GLY B 152 44.54 1.77 -0.14
N ASN B 153 44.45 2.48 0.98
CA ASN B 153 43.20 2.61 1.77
C ASN B 153 42.46 3.80 1.17
N TYR B 154 41.22 3.56 0.75
CA TYR B 154 40.32 4.57 0.17
C TYR B 154 39.00 4.59 0.92
N VAL B 155 38.40 5.77 0.93
CA VAL B 155 36.99 5.94 1.30
C VAL B 155 36.21 5.84 0.01
N MET B 156 35.11 5.10 0.06
CA MET B 156 34.16 5.09 -1.06
C MET B 156 32.93 5.82 -0.55
N ARG B 157 32.57 6.91 -1.25
CA ARG B 157 31.41 7.76 -0.92
C ARG B 157 30.32 7.45 -1.95
N HIS B 158 29.24 6.82 -1.49
CA HIS B 158 28.12 6.30 -2.32
C HIS B 158 26.90 7.15 -1.97
N GLU B 159 26.19 7.65 -2.97
CA GLU B 159 25.21 8.75 -2.74
C GLU B 159 23.97 8.57 -3.60
N ILE B 160 22.78 8.67 -3.01
CA ILE B 160 21.54 8.91 -3.79
C ILE B 160 21.24 10.41 -3.63
N ILE B 161 20.89 11.09 -4.71
CA ILE B 161 20.38 12.49 -4.59
C ILE B 161 18.90 12.44 -4.97
N ALA B 162 17.99 12.56 -4.00
CA ALA B 162 16.54 12.51 -4.27
C ALA B 162 16.09 13.89 -4.76
N LEU B 163 15.35 13.95 -5.87
CA LEU B 163 15.01 15.25 -6.53
C LEU B 163 13.50 15.51 -6.48
N HIS B 164 12.71 14.82 -5.68
CA HIS B 164 11.24 15.02 -5.61
C HIS B 164 10.89 16.44 -5.12
N SER B 165 11.80 17.12 -4.42
CA SER B 165 11.61 18.51 -3.91
CA SER B 165 11.59 18.51 -3.93
C SER B 165 12.67 19.45 -4.49
N ALA B 166 13.37 19.01 -5.55
CA ALA B 166 14.57 19.73 -6.09
C ALA B 166 14.15 20.92 -6.96
N GLY B 167 12.85 21.13 -7.18
CA GLY B 167 12.34 22.30 -7.94
C GLY B 167 12.63 23.63 -7.25
N ASN B 168 13.05 23.60 -6.00
CA ASN B 168 13.36 24.83 -5.21
C ASN B 168 14.83 24.83 -4.83
N GLN B 169 15.34 25.99 -4.45
CA GLN B 169 16.70 26.13 -3.87
C GLN B 169 16.84 25.27 -2.61
N ASN B 170 17.90 24.46 -2.54
CA ASN B 170 18.27 23.65 -1.35
C ASN B 170 17.24 22.52 -1.18
N GLY B 171 16.45 22.23 -2.24
CA GLY B 171 15.37 21.24 -2.28
C GLY B 171 15.89 19.82 -2.53
N ALA B 172 17.00 19.66 -3.26
CA ALA B 172 17.65 18.33 -3.48
C ALA B 172 18.10 17.75 -2.14
N GLN B 173 17.96 16.43 -1.99
CA GLN B 173 18.31 15.71 -0.74
C GLN B 173 19.44 14.73 -1.05
N ASN B 174 20.63 15.04 -0.57
CA ASN B 174 21.82 14.19 -0.76
C ASN B 174 21.90 13.21 0.41
N TYR B 175 22.10 11.92 0.10
CA TYR B 175 22.24 10.79 1.07
C TYR B 175 23.60 10.12 0.89
N PRO B 176 24.71 10.79 1.27
CA PRO B 176 26.02 10.21 1.13
C PRO B 176 26.21 9.17 2.23
N GLN B 177 26.84 8.06 1.85
CA GLN B 177 27.21 6.94 2.76
C GLN B 177 28.63 6.50 2.40
N CYS B 178 29.53 6.64 3.35
CA CYS B 178 30.96 6.27 3.18
C CYS B 178 31.27 4.93 3.79
N ILE B 179 32.14 4.23 3.09
CA ILE B 179 32.76 2.97 3.58
C ILE B 179 34.26 2.99 3.31
N ASN B 180 35.00 2.27 4.16
CA ASN B 180 36.48 2.13 4.07
C ASN B 180 36.86 0.87 3.28
N LEU B 181 37.75 1.03 2.31
CA LEU B 181 38.20 0.00 1.35
C LEU B 181 39.71 -0.11 1.43
N LYS B 182 40.17 -1.35 1.52
CA LYS B 182 41.59 -1.70 1.42
C LYS B 182 41.75 -2.24 0.02
N VAL B 183 42.18 -1.38 -0.91
CA VAL B 183 42.26 -1.67 -2.37
C VAL B 183 43.63 -2.30 -2.62
N THR B 184 43.62 -3.52 -3.18
CA THR B 184 44.86 -4.30 -3.49
C THR B 184 45.01 -4.41 -5.00
N GLY B 185 46.16 -4.88 -5.42
CA GLY B 185 46.48 -5.08 -6.84
C GLY B 185 46.65 -3.72 -7.47
N GLY B 186 45.88 -3.47 -8.53
CA GLY B 186 45.71 -2.12 -9.09
C GLY B 186 46.92 -1.70 -9.92
N GLY B 187 46.93 -0.44 -10.35
CA GLY B 187 47.93 0.12 -11.26
C GLY B 187 48.63 1.26 -10.57
N SER B 188 48.83 2.37 -11.27
CA SER B 188 49.58 3.52 -10.70
C SER B 188 48.75 4.79 -10.77
N ASP B 189 47.51 4.73 -11.27
CA ASP B 189 46.65 5.95 -11.46
C ASP B 189 46.25 6.50 -10.10
N LYS B 190 46.55 7.77 -9.87
CA LYS B 190 46.05 8.57 -8.72
C LYS B 190 45.19 9.69 -9.29
N PRO B 191 43.91 9.43 -9.61
CA PRO B 191 43.08 10.43 -10.30
C PRO B 191 42.92 11.70 -9.46
N ALA B 192 42.83 12.85 -10.15
CA ALA B 192 42.61 14.19 -9.57
C ALA B 192 41.26 14.18 -8.87
N GLY B 193 41.26 14.56 -7.61
CA GLY B 193 40.06 14.56 -6.76
C GLY B 193 39.59 15.95 -6.38
N THR B 194 38.34 15.98 -5.92
CA THR B 194 37.58 17.17 -5.51
C THR B 194 37.27 17.00 -4.02
N LEU B 195 37.53 18.01 -3.18
CA LEU B 195 37.11 17.97 -1.76
C LEU B 195 35.59 17.76 -1.71
N GLY B 196 35.11 16.96 -0.77
CA GLY B 196 33.67 16.83 -0.50
C GLY B 196 32.92 18.15 -0.61
N THR B 197 33.49 19.24 -0.06
CA THR B 197 32.78 20.55 0.09
C THR B 197 32.84 21.37 -1.21
N ALA B 198 33.53 20.89 -2.27
CA ALA B 198 33.54 21.50 -3.62
C ALA B 198 32.78 20.61 -4.63
N LEU B 199 32.12 19.53 -4.20
CA LEU B 199 31.44 18.60 -5.16
C LEU B 199 30.25 19.27 -5.83
N TYR B 200 29.40 19.95 -5.06
CA TYR B 200 28.07 20.41 -5.52
C TYR B 200 27.83 21.86 -5.13
N LYS B 201 27.15 22.59 -6.03
CA LYS B 201 26.52 23.89 -5.71
C LYS B 201 25.01 23.73 -5.85
N ASN B 202 24.26 24.52 -5.06
CA ASN B 202 22.78 24.44 -4.99
C ASN B 202 22.15 25.04 -6.26
N THR B 203 22.99 25.48 -7.22
CA THR B 203 22.57 26.06 -8.53
C THR B 203 22.88 25.06 -9.65
N ASP B 204 23.53 23.92 -9.35
CA ASP B 204 23.95 22.98 -10.43
C ASP B 204 22.72 22.51 -11.20
N ALA B 205 22.88 22.28 -12.50
CA ALA B 205 21.77 21.86 -13.39
C ALA B 205 21.09 20.58 -12.89
N GLY B 206 21.84 19.64 -12.32
CA GLY B 206 21.27 18.37 -11.82
C GLY B 206 20.77 18.45 -10.38
N ILE B 207 20.94 19.59 -9.71
CA ILE B 207 20.51 19.81 -8.29
C ILE B 207 19.20 20.59 -8.26
N LEU B 208 19.17 21.68 -9.02
CA LEU B 208 18.04 22.64 -9.03
C LEU B 208 17.28 22.36 -10.32
N VAL B 209 16.24 21.55 -10.21
CA VAL B 209 15.58 20.96 -11.39
C VAL B 209 14.19 20.51 -10.98
N ASN B 210 13.23 20.70 -11.88
CA ASN B 210 11.85 20.17 -11.71
C ASN B 210 11.74 18.86 -12.50
N ILE B 211 11.62 17.72 -11.83
CA ILE B 211 11.60 16.40 -12.50
C ILE B 211 10.18 16.07 -12.98
N TYR B 212 9.19 16.89 -12.63
CA TYR B 212 7.76 16.60 -12.96
C TYR B 212 7.39 17.22 -14.31
N GLN B 213 8.18 16.85 -15.31
CA GLN B 213 8.02 17.27 -16.72
C GLN B 213 8.85 16.32 -17.59
N SER B 214 8.72 16.38 -18.92
CA SER B 214 9.56 15.60 -19.85
C SER B 214 10.92 16.28 -19.96
N LEU B 215 11.94 15.73 -19.30
CA LEU B 215 13.32 16.25 -19.39
C LEU B 215 13.97 15.68 -20.66
N SER B 216 14.38 16.56 -21.56
CA SER B 216 15.19 16.20 -22.75
C SER B 216 16.48 15.52 -22.29
N SER B 217 17.13 16.10 -21.28
CA SER B 217 18.44 15.67 -20.75
C SER B 217 18.47 15.82 -19.22
N TYR B 218 19.35 15.07 -18.53
CA TYR B 218 19.67 15.33 -17.10
C TYR B 218 21.19 15.40 -16.93
N ASP B 219 21.70 16.52 -16.43
CA ASP B 219 23.15 16.72 -16.17
C ASP B 219 23.48 16.20 -14.76
N ILE B 220 24.06 15.02 -14.66
CA ILE B 220 24.44 14.40 -13.35
C ILE B 220 25.46 15.33 -12.72
N PRO B 221 25.21 15.81 -11.49
CA PRO B 221 26.11 16.75 -10.87
C PRO B 221 27.43 16.13 -10.41
N GLY B 222 28.36 16.98 -9.97
CA GLY B 222 29.65 16.56 -9.45
C GLY B 222 30.71 16.59 -10.53
N PRO B 223 31.97 16.32 -10.15
CA PRO B 223 33.08 16.34 -11.10
C PRO B 223 32.99 15.20 -12.13
N ALA B 224 33.86 15.22 -13.13
CA ALA B 224 33.81 14.31 -14.30
C ALA B 224 34.13 12.89 -13.84
N LEU B 225 33.47 11.91 -14.45
CA LEU B 225 33.74 10.47 -14.27
C LEU B 225 35.21 10.23 -14.60
N TYR B 226 35.89 9.45 -13.75
CA TYR B 226 37.29 8.99 -13.95
C TYR B 226 37.33 8.00 -15.12
N HIS C 1 -3.45 9.10 14.64
CA HIS C 1 -4.00 9.35 15.96
C HIS C 1 -5.43 9.89 15.79
N GLY C 2 -6.38 9.31 16.50
CA GLY C 2 -7.79 9.64 16.34
C GLY C 2 -8.68 8.61 17.00
N PHE C 3 -9.98 8.84 16.99
CA PHE C 3 -10.95 7.90 17.62
C PHE C 3 -12.33 8.16 17.04
N VAL C 4 -13.26 7.23 17.28
CA VAL C 4 -14.69 7.35 16.88
C VAL C 4 -15.39 8.20 17.93
N SER C 5 -15.86 9.40 17.55
CA SER C 5 -16.58 10.34 18.44
C SER C 5 -18.06 9.93 18.49
N GLY C 6 -18.54 9.19 17.48
CA GLY C 6 -19.97 8.91 17.30
C GLY C 6 -20.28 7.94 16.19
N ALA C 7 -21.48 7.38 16.22
CA ALA C 7 -21.94 6.44 15.19
C ALA C 7 -23.44 6.66 14.97
N VAL C 8 -23.82 6.73 13.69
CA VAL C 8 -25.21 6.77 13.21
C VAL C 8 -25.62 5.32 12.93
N VAL C 9 -26.50 4.80 13.77
CA VAL C 9 -26.88 3.37 13.79
C VAL C 9 -28.33 3.29 13.33
N ASP C 10 -28.55 2.78 12.10
CA ASP C 10 -29.88 2.73 11.47
C ASP C 10 -30.49 4.14 11.49
N GLY C 11 -29.65 5.15 11.22
CA GLY C 11 -30.08 6.55 11.04
C GLY C 11 -30.16 7.36 12.32
N LYS C 12 -29.98 6.77 13.52
CA LYS C 12 -29.97 7.50 14.82
C LYS C 12 -28.52 7.70 15.25
N TYR C 13 -28.14 8.93 15.59
CA TYR C 13 -26.77 9.25 16.07
C TYR C 13 -26.64 8.88 17.55
N TYR C 14 -25.56 8.18 17.90
CA TYR C 14 -25.15 7.87 19.29
C TYR C 14 -23.75 8.42 19.52
N THR C 15 -23.60 9.15 20.62
CA THR C 15 -22.28 9.65 21.07
C THR C 15 -21.44 8.43 21.47
N GLY C 16 -20.22 8.36 20.96
CA GLY C 16 -19.29 7.26 21.26
C GLY C 16 -18.59 7.51 22.59
N TYR C 17 -17.52 6.75 22.82
CA TYR C 17 -16.67 6.91 24.02
C TYR C 17 -15.68 8.03 23.72
N LEU C 18 -15.88 9.19 24.34
CA LEU C 18 -15.05 10.40 24.13
C LEU C 18 -13.78 10.27 24.99
N VAL C 19 -12.77 9.61 24.42
CA VAL C 19 -11.53 9.17 25.12
C VAL C 19 -10.71 10.43 25.47
N ASN C 20 -11.05 11.58 24.90
CA ASN C 20 -10.33 12.85 25.22
C ASN C 20 -11.07 13.60 26.34
N GLN C 21 -12.19 13.06 26.84
CA GLN C 21 -13.06 13.72 27.83
C GLN C 21 -13.45 12.79 28.99
N TYR C 22 -14.10 11.65 28.70
CA TYR C 22 -14.73 10.77 29.72
C TYR C 22 -13.71 10.23 30.73
N PRO C 23 -12.45 9.90 30.34
CA PRO C 23 -11.49 9.38 31.33
C PRO C 23 -11.20 10.36 32.47
N TYR C 24 -11.52 11.65 32.31
CA TYR C 24 -11.19 12.73 33.28
C TYR C 24 -12.41 13.19 34.09
N MET C 25 -13.57 12.55 33.88
CA MET C 25 -14.85 12.91 34.54
C MET C 25 -15.04 12.06 35.80
N SER C 26 -15.71 12.61 36.82
CA SER C 26 -16.15 11.87 38.04
C SER C 26 -16.99 10.67 37.60
N SER C 27 -17.95 10.90 36.70
CA SER C 27 -18.89 9.84 36.27
C SER C 27 -19.32 10.17 34.84
N PRO C 28 -18.77 9.44 33.86
CA PRO C 28 -19.07 9.69 32.46
C PRO C 28 -20.45 9.15 32.11
N PRO C 29 -21.03 9.63 31.01
CA PRO C 29 -22.29 9.08 30.50
C PRO C 29 -22.05 7.61 30.13
N GLU C 30 -23.12 6.82 30.11
CA GLU C 30 -23.16 5.52 29.40
C GLU C 30 -22.96 5.78 27.92
N SER C 31 -22.43 4.79 27.22
CA SER C 31 -22.22 4.87 25.75
C SER C 31 -22.32 3.47 25.16
N ILE C 32 -22.76 3.39 23.90
CA ILE C 32 -22.63 2.15 23.07
C ILE C 32 -21.13 1.94 22.76
N GLY C 33 -20.33 3.01 22.90
CA GLY C 33 -18.86 2.94 22.77
C GLY C 33 -18.23 2.28 23.98
N TRP C 34 -17.31 1.34 23.77
CA TRP C 34 -16.51 0.73 24.87
C TRP C 34 -15.56 1.80 25.41
N SER C 35 -15.34 1.80 26.72
CA SER C 35 -14.29 2.65 27.34
C SER C 35 -12.94 2.04 26.93
N GLU C 36 -11.93 2.89 26.78
CA GLU C 36 -10.56 2.38 26.57
C GLU C 36 -9.63 3.49 27.08
N THR C 37 -8.36 3.17 27.24
CA THR C 37 -7.41 4.01 28.01
C THR C 37 -6.30 4.54 27.10
N ALA C 38 -6.47 4.50 25.78
CA ALA C 38 -5.53 5.12 24.80
C ALA C 38 -5.87 6.61 24.71
N THR C 39 -5.56 7.36 25.79
CA THR C 39 -5.94 8.78 26.02
C THR C 39 -5.05 9.70 25.20
N ASP C 40 -3.95 9.19 24.63
CA ASP C 40 -3.15 9.92 23.60
C ASP C 40 -3.78 9.78 22.20
N LEU C 41 -4.92 9.09 22.04
CA LEU C 41 -5.59 8.83 20.74
C LEU C 41 -4.76 7.84 19.91
N GLY C 42 -3.93 7.05 20.59
CA GLY C 42 -2.90 6.20 19.95
C GLY C 42 -3.45 4.89 19.44
N PHE C 43 -2.56 3.91 19.32
CA PHE C 43 -2.75 2.67 18.53
C PHE C 43 -2.32 1.45 19.35
N VAL C 44 -2.71 0.27 18.89
CA VAL C 44 -2.13 -1.04 19.29
C VAL C 44 -1.28 -1.51 18.11
N ASP C 45 0.02 -1.70 18.30
CA ASP C 45 0.93 -2.16 17.22
C ASP C 45 1.15 -3.66 17.38
N GLY C 46 2.01 -4.26 16.55
CA GLY C 46 2.14 -5.72 16.46
C GLY C 46 2.60 -6.36 17.77
N SER C 47 3.27 -5.59 18.63
CA SER C 47 3.68 -6.07 19.98
C SER C 47 2.44 -6.40 20.82
N GLY C 48 1.25 -5.92 20.46
CA GLY C 48 0.02 -6.17 21.25
C GLY C 48 -1.00 -7.00 20.49
N TYR C 49 -0.63 -7.63 19.38
CA TYR C 49 -1.62 -8.35 18.56
C TYR C 49 -2.14 -9.58 19.29
N SER C 50 -1.40 -10.11 20.28
CA SER C 50 -1.87 -11.25 21.10
C SER C 50 -2.25 -10.78 22.52
N SER C 51 -2.40 -9.46 22.70
CA SER C 51 -2.82 -8.81 23.96
C SER C 51 -4.32 -8.52 23.89
N GLY C 52 -5.00 -8.48 25.03
CA GLY C 52 -6.40 -8.05 25.10
C GLY C 52 -6.59 -6.67 24.47
N ASP C 53 -5.53 -5.86 24.35
CA ASP C 53 -5.67 -4.47 23.87
C ASP C 53 -6.17 -4.48 22.42
N ILE C 54 -5.81 -5.49 21.63
CA ILE C 54 -6.20 -5.50 20.19
C ILE C 54 -7.73 -5.67 20.08
N ILE C 55 -8.41 -6.18 21.10
CA ILE C 55 -9.84 -6.57 20.96
C ILE C 55 -10.66 -5.29 20.70
N CYS C 56 -10.71 -4.36 21.66
CA CYS C 56 -11.48 -3.09 21.62
C CYS C 56 -10.60 -1.88 22.03
N HIS C 57 -9.28 -1.96 21.85
CA HIS C 57 -8.25 -0.93 22.20
C HIS C 57 -7.87 -1.04 23.69
N LYS C 58 -6.94 -0.22 24.15
CA LYS C 58 -6.17 -0.42 25.40
C LYS C 58 -7.11 -0.52 26.60
N SER C 59 -7.04 -1.64 27.32
CA SER C 59 -7.76 -1.94 28.58
C SER C 59 -9.27 -1.73 28.42
N ALA C 60 -9.84 -2.07 27.26
CA ALA C 60 -11.22 -1.69 26.91
C ALA C 60 -12.18 -2.37 27.89
N LYS C 61 -13.20 -1.65 28.34
CA LYS C 61 -14.29 -2.23 29.16
C LYS C 61 -15.63 -2.00 28.45
N ASN C 62 -16.57 -2.92 28.68
CA ASN C 62 -17.88 -3.00 28.01
C ASN C 62 -18.58 -1.64 27.98
N GLY C 63 -19.04 -1.19 26.82
CA GLY C 63 -20.12 -0.18 26.76
C GLY C 63 -21.32 -0.68 27.56
N ALA C 64 -22.01 0.20 28.28
CA ALA C 64 -23.11 -0.22 29.17
C ALA C 64 -24.39 -0.47 28.40
N ILE C 65 -24.53 0.11 27.20
CA ILE C 65 -25.82 0.14 26.45
C ILE C 65 -25.55 -0.26 24.99
N SER C 66 -26.63 -0.48 24.26
CA SER C 66 -26.60 -0.85 22.83
C SER C 66 -27.51 0.03 21.97
N ALA C 67 -27.22 0.07 20.68
CA ALA C 67 -28.03 0.78 19.66
C ALA C 67 -28.76 -0.27 18.83
N GLU C 68 -30.10 -0.19 18.82
CA GLU C 68 -30.95 -1.11 18.04
C GLU C 68 -30.80 -0.82 16.55
N ILE C 69 -30.78 -1.87 15.71
CA ILE C 69 -30.58 -1.79 14.25
C ILE C 69 -31.23 -3.00 13.60
N LYS C 70 -32.09 -2.78 12.60
CA LYS C 70 -32.68 -3.88 11.80
C LYS C 70 -31.55 -4.43 10.93
N ALA C 71 -31.30 -5.74 10.95
CA ALA C 71 -30.37 -6.39 10.02
C ALA C 71 -30.64 -5.82 8.63
N GLY C 72 -29.58 -5.46 7.92
CA GLY C 72 -29.67 -4.75 6.63
C GLY C 72 -29.43 -3.25 6.78
N GLY C 73 -29.58 -2.72 7.98
CA GLY C 73 -29.42 -1.27 8.20
C GLY C 73 -27.95 -0.88 8.21
N LYS C 74 -27.68 0.42 8.24
CA LYS C 74 -26.30 0.92 8.08
C LYS C 74 -25.79 1.41 9.44
N VAL C 75 -24.47 1.43 9.60
CA VAL C 75 -23.78 2.13 10.71
C VAL C 75 -22.76 3.06 10.06
N GLU C 76 -22.82 4.33 10.40
CA GLU C 76 -21.88 5.36 9.93
C GLU C 76 -21.01 5.72 11.12
N PHE C 77 -19.71 5.44 11.02
CA PHE C 77 -18.72 5.74 12.08
C PHE C 77 -18.20 7.15 11.83
N GLN C 78 -18.24 8.01 12.84
CA GLN C 78 -17.70 9.39 12.74
C GLN C 78 -16.38 9.44 13.52
N TRP C 79 -15.28 9.67 12.80
CA TRP C 79 -13.95 9.84 13.40
C TRP C 79 -13.65 11.32 13.69
N THR C 80 -12.66 11.53 14.53
CA THR C 80 -11.91 12.79 14.60
C THR C 80 -11.20 12.97 13.26
N GLU C 81 -10.55 14.13 13.10
CA GLU C 81 -9.86 14.49 11.84
C GLU C 81 -8.71 13.52 11.63
N TRP C 82 -8.82 12.65 10.64
CA TRP C 82 -7.83 11.56 10.42
C TRP C 82 -6.62 12.12 9.67
N PRO C 83 -5.37 11.97 10.17
CA PRO C 83 -4.21 12.50 9.46
C PRO C 83 -4.04 11.84 8.08
N GLU C 84 -3.84 12.64 7.03
CA GLU C 84 -3.64 12.13 5.64
C GLU C 84 -2.48 11.11 5.62
N SER C 85 -1.43 11.33 6.43
CA SER C 85 -0.20 10.46 6.46
C SER C 85 -0.55 9.02 6.89
N HIS C 86 -1.62 8.84 7.65
CA HIS C 86 -2.05 7.53 8.19
C HIS C 86 -2.84 6.72 7.16
N HIS C 87 -2.23 6.47 5.99
CA HIS C 87 -2.83 5.68 4.88
C HIS C 87 -2.98 4.22 5.30
N GLY C 88 -4.14 3.63 5.04
CA GLY C 88 -4.26 2.19 5.29
C GLY C 88 -5.72 1.76 5.20
N PRO C 89 -5.99 0.46 5.42
CA PRO C 89 -7.32 -0.08 5.25
C PRO C 89 -8.24 0.33 6.39
N VAL C 90 -9.54 0.15 6.12
CA VAL C 90 -10.65 0.33 7.07
C VAL C 90 -11.42 -1.00 7.08
N ILE C 91 -11.45 -1.65 8.24
CA ILE C 91 -11.90 -3.05 8.41
C ILE C 91 -12.91 -3.07 9.53
N THR C 92 -14.05 -3.72 9.33
CA THR C 92 -15.14 -3.72 10.33
C THR C 92 -15.62 -5.15 10.54
N TYR C 93 -15.74 -5.53 11.82
CA TYR C 93 -16.14 -6.88 12.27
C TYR C 93 -17.39 -6.79 13.15
N MET C 94 -18.10 -7.92 13.25
CA MET C 94 -19.12 -8.17 14.30
C MET C 94 -18.76 -9.46 15.06
N ALA C 95 -19.12 -9.50 16.36
CA ALA C 95 -18.98 -10.68 17.25
C ALA C 95 -20.27 -10.81 18.06
N ASN C 96 -20.90 -11.98 18.01
CA ASN C 96 -22.07 -12.28 18.86
C ASN C 96 -21.65 -12.20 20.33
N CYS C 97 -22.45 -11.53 21.15
CA CYS C 97 -22.22 -11.42 22.62
C CYS C 97 -22.82 -12.65 23.30
N ASN C 98 -23.63 -13.43 22.58
CA ASN C 98 -24.29 -14.65 23.10
C ASN C 98 -24.95 -14.28 24.44
N GLY C 99 -25.76 -13.23 24.43
CA GLY C 99 -26.31 -12.56 25.62
C GLY C 99 -26.04 -11.07 25.53
N ASP C 100 -25.98 -10.38 26.66
CA ASP C 100 -25.82 -8.91 26.70
C ASP C 100 -24.37 -8.55 26.37
N CYS C 101 -24.15 -7.61 25.46
CA CYS C 101 -22.79 -7.06 25.18
C CYS C 101 -22.32 -6.22 26.37
N ALA C 102 -23.26 -5.76 27.22
CA ALA C 102 -22.93 -4.97 28.43
C ALA C 102 -22.13 -5.83 29.39
N SER C 103 -22.29 -7.17 29.33
CA SER C 103 -21.64 -8.09 30.30
C SER C 103 -20.85 -9.22 29.61
N VAL C 104 -20.62 -9.18 28.30
CA VAL C 104 -19.79 -10.21 27.60
C VAL C 104 -18.31 -10.07 28.01
N ASP C 105 -17.61 -11.20 28.08
CA ASP C 105 -16.15 -11.27 28.27
C ASP C 105 -15.51 -10.91 26.94
N LYS C 106 -14.84 -9.75 26.82
CA LYS C 106 -14.28 -9.33 25.51
C LYS C 106 -13.34 -10.42 24.97
N THR C 107 -12.71 -11.25 25.81
CA THR C 107 -11.74 -12.28 25.34
C THR C 107 -12.47 -13.51 24.75
N SER C 108 -13.78 -13.61 24.92
CA SER C 108 -14.69 -14.62 24.29
C SER C 108 -15.21 -14.17 22.91
N LEU C 109 -15.12 -12.88 22.55
CA LEU C 109 -15.72 -12.35 21.29
C LEU C 109 -15.07 -12.99 20.03
N GLU C 110 -15.91 -13.67 19.24
CA GLU C 110 -15.48 -14.28 17.96
C GLU C 110 -15.92 -13.36 16.81
N PHE C 111 -14.99 -12.54 16.34
CA PHE C 111 -15.20 -11.48 15.31
C PHE C 111 -15.19 -12.07 13.90
N PHE C 112 -16.24 -11.80 13.11
CA PHE C 112 -16.30 -12.07 11.67
C PHE C 112 -16.32 -10.74 10.94
N LYS C 113 -15.58 -10.66 9.84
CA LYS C 113 -15.52 -9.46 8.96
C LYS C 113 -16.88 -9.22 8.31
N ILE C 114 -17.40 -7.98 8.39
CA ILE C 114 -18.61 -7.58 7.62
C ILE C 114 -18.28 -6.51 6.55
N ASP C 115 -17.08 -5.91 6.61
CA ASP C 115 -16.72 -4.86 5.63
C ASP C 115 -15.21 -4.69 5.64
N GLU C 116 -14.64 -4.46 4.48
CA GLU C 116 -13.18 -4.17 4.37
C GLU C 116 -12.93 -3.39 3.10
N SER C 117 -11.89 -2.56 3.13
CA SER C 117 -11.43 -1.70 2.03
C SER C 117 -9.95 -1.41 2.28
N GLY C 118 -9.11 -1.48 1.26
CA GLY C 118 -7.65 -1.31 1.39
C GLY C 118 -7.13 -0.24 0.45
N LEU C 119 -6.38 -0.66 -0.57
CA LEU C 119 -5.74 0.28 -1.52
C LEU C 119 -6.72 0.57 -2.65
N ILE C 120 -7.19 1.82 -2.78
CA ILE C 120 -8.29 2.17 -3.74
C ILE C 120 -7.66 2.53 -5.07
N SER C 121 -6.60 3.33 -5.04
CA SER C 121 -5.88 3.75 -6.26
C SER C 121 -4.38 3.83 -5.97
N ASP C 122 -3.62 3.10 -6.79
CA ASP C 122 -2.14 2.97 -6.76
C ASP C 122 -1.44 4.20 -7.38
N SER C 123 -2.19 5.14 -7.94
CA SER C 123 -1.70 6.01 -9.05
C SER C 123 -0.48 6.84 -8.62
N ASN C 124 -0.55 7.58 -7.50
CA ASN C 124 0.52 8.47 -6.99
C ASN C 124 1.03 7.97 -5.63
N VAL C 125 2.07 7.11 -5.64
CA VAL C 125 2.64 6.45 -4.44
C VAL C 125 2.72 7.48 -3.31
N PRO C 126 2.22 7.21 -2.07
CA PRO C 126 1.70 5.90 -1.66
C PRO C 126 0.24 5.60 -2.05
N GLY C 127 -0.41 6.53 -2.74
CA GLY C 127 -1.74 6.30 -3.35
C GLY C 127 -2.90 6.57 -2.41
N THR C 128 -4.11 6.18 -2.84
CA THR C 128 -5.41 6.52 -2.21
C THR C 128 -5.90 5.25 -1.53
N TRP C 129 -6.05 5.32 -0.21
CA TRP C 129 -6.47 4.18 0.64
C TRP C 129 -7.88 4.43 1.16
N ALA C 130 -8.54 3.39 1.66
CA ALA C 130 -9.81 3.52 2.42
C ALA C 130 -9.71 4.73 3.38
N SER C 131 -8.60 4.90 4.09
CA SER C 131 -8.45 5.99 5.09
C SER C 131 -8.62 7.36 4.40
N ASP C 132 -8.14 7.49 3.17
CA ASP C 132 -8.29 8.71 2.34
C ASP C 132 -9.76 8.89 1.94
N ASN C 133 -10.45 7.81 1.54
CA ASN C 133 -11.91 7.86 1.34
C ASN C 133 -12.59 8.39 2.61
N LEU C 134 -12.16 7.88 3.77
CA LEU C 134 -12.70 8.27 5.11
C LEU C 134 -12.54 9.76 5.35
N ILE C 135 -11.33 10.31 5.15
CA ILE C 135 -11.03 11.76 5.29
C ILE C 135 -11.96 12.55 4.35
N ALA C 136 -12.05 12.16 3.08
CA ALA C 136 -12.84 12.87 2.03
C ALA C 136 -14.30 12.94 2.46
N ASN C 137 -14.81 11.90 3.12
CA ASN C 137 -16.24 11.79 3.52
C ASN C 137 -16.45 12.37 4.93
N ASN C 138 -15.76 13.47 5.25
CA ASN C 138 -15.92 14.20 6.54
C ASN C 138 -15.55 13.22 7.67
N ASN C 139 -14.41 12.52 7.51
CA ASN C 139 -13.89 11.58 8.53
C ASN C 139 -14.96 10.58 8.98
N SER C 140 -15.68 9.97 8.04
CA SER C 140 -16.73 9.00 8.38
C SER C 140 -16.63 7.76 7.47
N TRP C 141 -17.23 6.71 7.94
CA TRP C 141 -17.22 5.43 7.21
C TRP C 141 -18.54 4.72 7.48
N THR C 142 -19.14 4.21 6.41
CA THR C 142 -20.45 3.53 6.45
C THR C 142 -20.28 2.06 6.08
N VAL C 143 -20.80 1.17 6.92
CA VAL C 143 -20.88 -0.28 6.69
C VAL C 143 -22.34 -0.70 6.77
N THR C 144 -22.63 -1.90 6.30
CA THR C 144 -23.95 -2.55 6.41
C THR C 144 -23.93 -3.69 7.43
N VAL C 145 -24.88 -3.71 8.36
CA VAL C 145 -25.12 -4.96 9.13
C VAL C 145 -25.80 -5.91 8.15
N PRO C 146 -25.22 -7.08 7.76
CA PRO C 146 -25.85 -7.96 6.78
C PRO C 146 -27.29 -8.33 7.16
N SER C 147 -28.20 -8.26 6.17
CA SER C 147 -29.64 -8.57 6.31
C SER C 147 -29.83 -10.03 6.72
N SER C 148 -28.85 -10.89 6.49
CA SER C 148 -28.98 -12.35 6.72
C SER C 148 -28.40 -12.80 8.07
N ILE C 149 -27.71 -11.97 8.87
CA ILE C 149 -27.21 -12.46 10.20
C ILE C 149 -28.38 -12.65 11.17
N ALA C 150 -28.19 -13.61 12.09
CA ALA C 150 -29.07 -13.91 13.24
C ALA C 150 -29.30 -12.65 14.10
N ALA C 151 -30.56 -12.37 14.45
CA ALA C 151 -30.92 -11.39 15.50
C ALA C 151 -30.11 -11.72 16.77
N GLY C 152 -29.62 -10.69 17.45
CA GLY C 152 -28.92 -10.85 18.74
C GLY C 152 -28.10 -9.61 19.08
N ASN C 153 -27.33 -9.68 20.14
CA ASN C 153 -26.47 -8.57 20.61
C ASN C 153 -25.08 -8.79 20.01
N TYR C 154 -24.54 -7.79 19.36
CA TYR C 154 -23.17 -7.87 18.78
C TYR C 154 -22.35 -6.65 19.18
N VAL C 155 -21.04 -6.89 19.33
CA VAL C 155 -20.00 -5.83 19.32
C VAL C 155 -19.62 -5.69 17.86
N MET C 156 -19.73 -4.47 17.34
CA MET C 156 -19.13 -4.10 16.04
C MET C 156 -17.76 -3.50 16.35
N ARG C 157 -16.72 -4.05 15.78
CA ARG C 157 -15.31 -3.60 15.95
C ARG C 157 -14.85 -2.99 14.63
N HIS C 158 -14.66 -1.68 14.65
CA HIS C 158 -14.34 -0.86 13.48
C HIS C 158 -12.91 -0.38 13.66
N GLU C 159 -12.09 -0.44 12.61
CA GLU C 159 -10.63 -0.30 12.77
C GLU C 159 -10.04 0.39 11.54
N ILE C 160 -9.17 1.36 11.75
CA ILE C 160 -8.20 1.83 10.74
C ILE C 160 -6.86 1.19 11.12
N ILE C 161 -6.13 0.64 10.15
CA ILE C 161 -4.71 0.28 10.34
C ILE C 161 -3.86 1.27 9.55
N ALA C 162 -3.16 2.15 10.24
CA ALA C 162 -2.26 3.13 9.59
C ALA C 162 -0.98 2.41 9.16
N LEU C 163 -0.54 2.57 7.91
CA LEU C 163 0.62 1.79 7.38
C LEU C 163 1.84 2.69 7.12
N HIS C 164 1.85 3.95 7.57
CA HIS C 164 2.93 4.91 7.24
C HIS C 164 4.29 4.46 7.79
N SER C 165 4.32 3.63 8.85
CA SER C 165 5.57 3.08 9.44
C SER C 165 5.60 1.56 9.36
N ALA C 166 4.73 0.97 8.54
CA ALA C 166 4.44 -0.48 8.53
C ALA C 166 5.57 -1.24 7.81
N GLY C 167 6.51 -0.53 7.20
CA GLY C 167 7.73 -1.08 6.58
C GLY C 167 8.56 -1.90 7.56
N ASN C 168 8.52 -1.55 8.84
CA ASN C 168 9.29 -2.26 9.90
C ASN C 168 8.34 -3.13 10.70
N GLN C 169 8.90 -4.17 11.33
CA GLN C 169 8.15 -5.09 12.19
C GLN C 169 7.54 -4.29 13.35
N ASN C 170 6.25 -4.52 13.60
CA ASN C 170 5.41 -3.90 14.65
C ASN C 170 5.16 -2.43 14.30
N GLY C 171 5.36 -2.04 13.02
CA GLY C 171 5.22 -0.66 12.52
C GLY C 171 3.78 -0.26 12.28
N ALA C 172 2.95 -1.23 11.85
CA ALA C 172 1.51 -0.99 11.58
C ALA C 172 0.86 -0.50 12.85
N GLN C 173 -0.03 0.47 12.74
CA GLN C 173 -0.73 1.08 13.90
C GLN C 173 -2.21 0.73 13.81
N ASN C 174 -2.73 -0.06 14.76
CA ASN C 174 -4.14 -0.46 14.68
C ASN C 174 -4.96 0.46 15.58
N TYR C 175 -6.09 0.92 15.10
CA TYR C 175 -7.01 1.82 15.85
C TYR C 175 -8.39 1.19 15.90
N PRO C 176 -8.59 0.18 16.76
CA PRO C 176 -9.91 -0.45 16.91
C PRO C 176 -10.84 0.38 17.80
N GLN C 177 -12.12 0.40 17.44
CA GLN C 177 -13.19 1.07 18.19
C GLN C 177 -14.40 0.15 18.18
N CYS C 178 -14.92 -0.13 19.35
CA CYS C 178 -16.03 -1.09 19.52
C CYS C 178 -17.29 -0.35 19.90
N ILE C 179 -18.40 -0.79 19.33
CA ILE C 179 -19.74 -0.31 19.75
C ILE C 179 -20.65 -1.53 19.89
N ASN C 180 -21.67 -1.37 20.73
CA ASN C 180 -22.65 -2.44 21.02
C ASN C 180 -23.87 -2.23 20.13
N LEU C 181 -24.33 -3.29 19.47
CA LEU C 181 -25.53 -3.25 18.62
C LEU C 181 -26.53 -4.29 19.10
N LYS C 182 -27.80 -3.95 19.02
CA LYS C 182 -28.94 -4.88 19.20
C LYS C 182 -29.55 -5.13 17.82
N VAL C 183 -29.21 -6.27 17.21
CA VAL C 183 -29.64 -6.60 15.84
C VAL C 183 -31.00 -7.30 15.91
N THR C 184 -32.00 -6.76 15.21
CA THR C 184 -33.37 -7.32 15.09
C THR C 184 -33.63 -7.77 13.65
N GLY C 185 -34.69 -8.53 13.46
CA GLY C 185 -35.07 -9.07 12.14
C GLY C 185 -34.07 -10.13 11.71
N GLY C 186 -33.46 -9.92 10.55
CA GLY C 186 -32.31 -10.73 10.10
C GLY C 186 -32.69 -12.16 9.76
N GLY C 187 -31.69 -12.98 9.48
CA GLY C 187 -31.83 -14.37 9.02
C GLY C 187 -31.32 -15.34 10.06
N SER C 188 -30.54 -16.33 9.62
CA SER C 188 -29.95 -17.38 10.51
C SER C 188 -28.43 -17.44 10.34
N ASP C 189 -27.79 -16.50 9.66
CA ASP C 189 -26.34 -16.56 9.39
C ASP C 189 -25.55 -16.36 10.69
N LYS C 190 -24.67 -17.31 11.01
CA LYS C 190 -23.69 -17.28 12.12
C LYS C 190 -22.31 -17.49 11.53
N PRO C 191 -21.71 -16.48 10.88
CA PRO C 191 -20.40 -16.65 10.26
C PRO C 191 -19.35 -17.08 11.29
N ALA C 192 -18.29 -17.73 10.83
CA ALA C 192 -17.15 -18.17 11.65
C ALA C 192 -16.42 -16.94 12.18
N GLY C 193 -16.20 -16.89 13.50
CA GLY C 193 -15.56 -15.77 14.19
C GLY C 193 -14.13 -16.07 14.61
N THR C 194 -13.34 -15.02 14.77
CA THR C 194 -11.91 -15.06 15.18
C THR C 194 -11.77 -14.22 16.44
N LEU C 195 -11.20 -14.80 17.50
CA LEU C 195 -10.81 -14.05 18.72
C LEU C 195 -10.01 -12.83 18.29
N GLY C 196 -10.26 -11.67 18.92
CA GLY C 196 -9.45 -10.46 18.76
C GLY C 196 -7.96 -10.75 18.70
N THR C 197 -7.46 -11.55 19.64
CA THR C 197 -6.01 -11.83 19.81
C THR C 197 -5.51 -12.77 18.71
N ALA C 198 -6.39 -13.28 17.85
CA ALA C 198 -6.07 -14.17 16.69
C ALA C 198 -6.25 -13.46 15.34
N LEU C 199 -6.66 -12.19 15.28
CA LEU C 199 -6.95 -11.51 14.01
C LEU C 199 -5.67 -11.31 13.19
N TYR C 200 -4.59 -10.86 13.80
CA TYR C 200 -3.41 -10.35 13.08
C TYR C 200 -2.12 -10.96 13.61
N LYS C 201 -1.13 -11.08 12.72
CA LYS C 201 0.28 -11.33 13.06
C LYS C 201 1.11 -10.19 12.47
N ASN C 202 2.25 -9.89 13.10
CA ASN C 202 3.13 -8.77 12.68
C ASN C 202 3.93 -9.12 11.41
N THR C 203 3.76 -10.34 10.88
CA THR C 203 4.36 -10.80 9.61
C THR C 203 3.32 -10.83 8.47
N ASP C 204 2.05 -10.56 8.75
CA ASP C 204 0.99 -10.67 7.72
C ASP C 204 1.31 -9.74 6.56
N ALA C 205 0.95 -10.15 5.34
CA ALA C 205 1.28 -9.46 4.07
C ALA C 205 0.77 -8.01 4.09
N GLY C 206 -0.38 -7.77 4.71
CA GLY C 206 -1.05 -6.45 4.79
C GLY C 206 -0.66 -5.64 6.02
N ILE C 207 0.18 -6.20 6.90
CA ILE C 207 0.67 -5.54 8.14
C ILE C 207 2.12 -5.12 7.96
N LEU C 208 2.97 -6.07 7.53
CA LEU C 208 4.41 -5.81 7.26
C LEU C 208 4.51 -5.50 5.78
N VAL C 209 4.43 -4.22 5.45
CA VAL C 209 4.19 -3.75 4.05
C VAL C 209 4.82 -2.38 3.90
N ASN C 210 5.39 -2.11 2.74
CA ASN C 210 6.04 -0.82 2.40
C ASN C 210 5.14 -0.08 1.41
N ILE C 211 4.38 0.91 1.88
CA ILE C 211 3.42 1.61 1.00
C ILE C 211 4.17 2.62 0.13
N TYR C 212 5.48 2.83 0.33
CA TYR C 212 6.26 3.90 -0.34
C TYR C 212 6.94 3.39 -1.61
N GLN C 213 6.74 2.11 -1.94
CA GLN C 213 7.05 1.54 -3.27
C GLN C 213 5.74 0.98 -3.86
N SER C 214 5.52 1.15 -5.16
CA SER C 214 4.21 0.83 -5.79
C SER C 214 3.82 -0.61 -5.45
N LEU C 215 2.55 -0.84 -5.14
CA LEU C 215 2.07 -2.19 -4.73
C LEU C 215 1.36 -2.82 -5.93
N SER C 216 1.74 -4.04 -6.28
CA SER C 216 1.08 -4.87 -7.32
C SER C 216 -0.34 -5.16 -6.84
N SER C 217 -0.46 -5.49 -5.56
CA SER C 217 -1.74 -5.68 -4.85
C SER C 217 -1.52 -5.37 -3.36
N TYR C 218 -2.60 -5.22 -2.63
CA TYR C 218 -2.58 -5.14 -1.15
C TYR C 218 -3.51 -6.24 -0.62
N ASP C 219 -3.03 -7.10 0.28
CA ASP C 219 -3.89 -8.15 0.89
C ASP C 219 -4.37 -7.63 2.25
N ILE C 220 -5.64 -7.23 2.29
CA ILE C 220 -6.25 -6.66 3.53
C ILE C 220 -6.11 -7.71 4.62
N PRO C 221 -5.50 -7.38 5.78
CA PRO C 221 -5.30 -8.38 6.82
C PRO C 221 -6.57 -8.81 7.57
N GLY C 222 -6.43 -9.87 8.37
CA GLY C 222 -7.50 -10.42 9.22
C GLY C 222 -8.17 -11.59 8.53
N PRO C 223 -9.16 -12.23 9.16
CA PRO C 223 -9.83 -13.38 8.53
C PRO C 223 -10.68 -12.98 7.31
N ALA C 224 -11.14 -13.97 6.56
CA ALA C 224 -11.85 -13.77 5.28
C ALA C 224 -13.23 -13.14 5.53
N LEU C 225 -13.60 -12.17 4.68
CA LEU C 225 -14.98 -11.64 4.57
C LEU C 225 -15.89 -12.80 4.16
N TYR C 226 -16.75 -13.25 5.05
CA TYR C 226 -17.58 -14.45 4.86
C TYR C 226 -18.33 -14.33 3.53
N SER C 227 -18.14 -15.24 2.55
CA SER C 227 -19.04 -15.38 1.37
C SER C 227 -20.45 -15.67 1.90
N GLY C 228 -21.48 -15.03 1.35
CA GLY C 228 -22.86 -15.08 1.88
C GLY C 228 -23.77 -15.88 0.96
N HIS D 1 -27.02 28.60 -7.06
CA HIS D 1 -27.25 27.67 -8.18
C HIS D 1 -26.71 26.27 -7.79
N GLY D 2 -27.53 25.26 -7.94
CA GLY D 2 -27.14 23.85 -7.79
C GLY D 2 -28.36 22.95 -7.89
N PHE D 3 -28.18 21.65 -7.65
CA PHE D 3 -29.29 20.67 -7.73
C PHE D 3 -28.89 19.46 -6.89
N VAL D 4 -29.82 18.55 -6.71
CA VAL D 4 -29.63 17.27 -6.00
C VAL D 4 -29.06 16.23 -6.97
N SER D 5 -27.83 15.80 -6.74
CA SER D 5 -27.11 14.81 -7.61
C SER D 5 -27.42 13.39 -7.17
N GLY D 6 -27.94 13.23 -5.95
CA GLY D 6 -28.22 11.91 -5.40
C GLY D 6 -28.99 11.97 -4.10
N ALA D 7 -29.60 10.85 -3.73
CA ALA D 7 -30.24 10.74 -2.40
C ALA D 7 -29.89 9.38 -1.81
N VAL D 8 -29.58 9.32 -0.52
CA VAL D 8 -29.42 8.04 0.20
C VAL D 8 -30.74 7.77 0.91
N VAL D 9 -31.50 6.83 0.39
CA VAL D 9 -32.87 6.51 0.89
C VAL D 9 -32.79 5.21 1.71
N ASP D 10 -33.00 5.29 3.02
CA ASP D 10 -33.01 4.10 3.91
C ASP D 10 -31.68 3.37 3.73
N GLY D 11 -30.59 4.11 3.60
CA GLY D 11 -29.22 3.56 3.52
C GLY D 11 -28.70 3.30 2.11
N LYS D 12 -29.56 3.25 1.07
CA LYS D 12 -29.13 2.96 -0.32
C LYS D 12 -29.05 4.26 -1.13
N TYR D 13 -27.91 4.49 -1.80
CA TYR D 13 -27.66 5.67 -2.66
C TYR D 13 -28.37 5.46 -4.01
N TYR D 14 -29.16 6.44 -4.42
CA TYR D 14 -29.80 6.54 -5.77
C TYR D 14 -29.29 7.78 -6.52
N THR D 15 -28.94 7.62 -7.80
CA THR D 15 -28.51 8.74 -8.68
C THR D 15 -29.75 9.58 -8.94
N GLY D 16 -29.66 10.89 -8.71
CA GLY D 16 -30.77 11.82 -8.94
C GLY D 16 -30.85 12.23 -10.39
N TYR D 17 -31.65 13.26 -10.67
CA TYR D 17 -31.78 13.78 -12.04
C TYR D 17 -30.60 14.72 -12.30
N LEU D 18 -29.61 14.29 -13.09
CA LEU D 18 -28.39 15.10 -13.33
C LEU D 18 -28.71 16.13 -14.41
N VAL D 19 -29.18 17.29 -13.98
CA VAL D 19 -29.74 18.35 -14.86
C VAL D 19 -28.62 18.92 -15.74
N ASN D 20 -27.36 18.75 -15.36
CA ASN D 20 -26.20 19.24 -16.14
C ASN D 20 -25.74 18.17 -17.14
N GLN D 21 -26.47 17.08 -17.34
CA GLN D 21 -25.99 15.97 -18.18
C GLN D 21 -27.17 15.33 -18.92
N TYR D 22 -28.22 14.91 -18.19
CA TYR D 22 -29.33 14.12 -18.77
C TYR D 22 -30.05 14.89 -19.89
N PRO D 23 -30.30 16.22 -19.81
CA PRO D 23 -30.93 16.94 -20.92
C PRO D 23 -30.20 16.92 -22.28
N TYR D 24 -28.91 16.54 -22.30
CA TYR D 24 -28.04 16.58 -23.52
C TYR D 24 -27.89 15.16 -24.11
N MET D 25 -28.42 14.15 -23.42
CA MET D 25 -28.30 12.72 -23.83
C MET D 25 -29.44 12.37 -24.80
N SER D 26 -29.19 11.43 -25.72
CA SER D 26 -30.18 10.75 -26.60
C SER D 26 -31.28 10.14 -25.74
N SER D 27 -30.86 9.37 -24.75
CA SER D 27 -31.76 8.65 -23.83
C SER D 27 -31.12 8.61 -22.44
N PRO D 28 -31.62 9.43 -21.50
CA PRO D 28 -31.12 9.43 -20.13
C PRO D 28 -31.56 8.19 -19.38
N PRO D 29 -30.86 7.86 -18.28
CA PRO D 29 -31.31 6.79 -17.39
C PRO D 29 -32.59 7.22 -16.66
N GLU D 30 -33.33 6.22 -16.22
CA GLU D 30 -34.41 6.35 -15.21
C GLU D 30 -33.81 6.90 -13.91
N SER D 31 -34.57 7.72 -13.19
CA SER D 31 -34.17 8.23 -11.85
C SER D 31 -35.39 8.29 -10.96
N ILE D 32 -35.19 8.20 -9.65
CA ILE D 32 -36.23 8.52 -8.64
C ILE D 32 -36.42 10.03 -8.68
N GLY D 33 -35.38 10.77 -9.12
CA GLY D 33 -35.47 12.23 -9.22
C GLY D 33 -36.24 12.66 -10.45
N TRP D 34 -37.06 13.69 -10.30
CA TRP D 34 -37.88 14.19 -11.43
C TRP D 34 -37.01 14.91 -12.45
N SER D 35 -37.35 14.77 -13.73
CA SER D 35 -36.74 15.60 -14.81
C SER D 35 -37.25 17.04 -14.64
N GLU D 36 -36.37 18.01 -14.87
CA GLU D 36 -36.75 19.44 -14.88
C GLU D 36 -35.79 20.14 -15.84
N THR D 37 -36.16 21.33 -16.28
CA THR D 37 -35.54 22.01 -17.43
C THR D 37 -34.78 23.27 -16.98
N ALA D 38 -34.52 23.44 -15.68
CA ALA D 38 -33.61 24.51 -15.19
C ALA D 38 -32.16 24.05 -15.39
N THR D 39 -31.73 24.02 -16.66
CA THR D 39 -30.38 23.55 -17.08
C THR D 39 -29.29 24.57 -16.72
N ASP D 40 -29.64 25.79 -16.35
CA ASP D 40 -28.71 26.78 -15.74
C ASP D 40 -28.46 26.47 -14.25
N LEU D 41 -29.11 25.42 -13.71
CA LEU D 41 -29.07 25.04 -12.26
C LEU D 41 -29.72 26.13 -11.42
N GLY D 42 -30.68 26.85 -12.00
CA GLY D 42 -31.30 28.04 -11.39
C GLY D 42 -32.52 27.70 -10.55
N PHE D 43 -33.44 28.67 -10.44
CA PHE D 43 -34.47 28.68 -9.39
C PHE D 43 -35.84 28.99 -9.97
N VAL D 44 -36.85 28.77 -9.15
CA VAL D 44 -38.20 29.37 -9.30
C VAL D 44 -38.31 30.51 -8.30
N ASP D 45 -38.60 31.75 -8.75
CA ASP D 45 -38.80 32.92 -7.86
C ASP D 45 -40.30 33.15 -7.66
N GLY D 46 -40.65 34.22 -6.94
CA GLY D 46 -42.03 34.54 -6.56
C GLY D 46 -42.97 34.68 -7.76
N SER D 47 -42.47 35.10 -8.93
CA SER D 47 -43.26 35.17 -10.19
C SER D 47 -43.87 33.79 -10.52
N GLY D 48 -43.27 32.69 -10.03
CA GLY D 48 -43.70 31.31 -10.34
C GLY D 48 -44.35 30.55 -9.17
N TYR D 49 -44.63 31.21 -8.03
CA TYR D 49 -45.14 30.56 -6.80
C TYR D 49 -46.54 29.97 -7.03
N SER D 50 -47.37 30.51 -7.96
CA SER D 50 -48.73 29.95 -8.20
C SER D 50 -48.78 29.22 -9.55
N SER D 51 -47.60 28.85 -10.05
CA SER D 51 -47.43 28.14 -11.35
CA SER D 51 -47.33 28.18 -11.36
C SER D 51 -46.81 26.77 -11.09
N GLY D 52 -47.01 25.85 -12.04
CA GLY D 52 -46.57 24.45 -11.93
C GLY D 52 -45.08 24.34 -11.64
N ASP D 53 -44.25 25.29 -12.06
CA ASP D 53 -42.78 25.16 -11.87
C ASP D 53 -42.42 25.05 -10.36
N ILE D 54 -43.21 25.65 -9.46
CA ILE D 54 -42.87 25.63 -8.01
C ILE D 54 -42.93 24.20 -7.46
N ILE D 55 -43.65 23.31 -8.12
CA ILE D 55 -43.98 21.99 -7.55
C ILE D 55 -42.71 21.15 -7.46
N CYS D 56 -42.06 20.91 -8.60
CA CYS D 56 -40.88 20.02 -8.73
C CYS D 56 -39.83 20.70 -9.61
N HIS D 57 -39.87 22.03 -9.71
CA HIS D 57 -38.93 22.86 -10.52
C HIS D 57 -39.44 22.89 -11.98
N LYS D 58 -38.70 23.57 -12.85
CA LYS D 58 -39.18 24.07 -14.17
C LYS D 58 -39.63 22.89 -15.03
N SER D 59 -40.90 22.92 -15.45
CA SER D 59 -41.48 21.95 -16.39
C SER D 59 -41.16 20.53 -15.92
N ALA D 60 -41.17 20.28 -14.61
CA ALA D 60 -40.73 18.96 -14.08
C ALA D 60 -41.64 17.84 -14.60
N LYS D 61 -41.05 16.68 -14.89
CA LYS D 61 -41.80 15.47 -15.30
C LYS D 61 -41.41 14.31 -14.39
N ASN D 62 -42.39 13.41 -14.15
CA ASN D 62 -42.27 12.35 -13.12
C ASN D 62 -40.95 11.58 -13.30
N GLY D 63 -40.30 11.29 -12.19
CA GLY D 63 -39.35 10.17 -12.10
C GLY D 63 -40.06 8.89 -12.47
N ALA D 64 -39.41 8.03 -13.25
CA ALA D 64 -40.03 6.78 -13.75
C ALA D 64 -40.03 5.70 -12.66
N ILE D 65 -39.15 5.81 -11.66
CA ILE D 65 -38.95 4.76 -10.61
C ILE D 65 -38.99 5.39 -9.22
N SER D 66 -39.02 4.55 -8.20
CA SER D 66 -39.11 4.97 -6.78
C SER D 66 -38.13 4.15 -5.93
N ALA D 67 -37.73 4.74 -4.81
CA ALA D 67 -36.84 4.13 -3.82
C ALA D 67 -37.68 3.69 -2.62
N GLU D 68 -37.63 2.40 -2.28
CA GLU D 68 -38.30 1.84 -1.10
C GLU D 68 -37.62 2.36 0.18
N ILE D 69 -38.43 2.71 1.17
CA ILE D 69 -38.02 3.23 2.51
C ILE D 69 -39.09 2.79 3.52
N LYS D 70 -38.64 2.17 4.60
CA LYS D 70 -39.51 1.91 5.78
C LYS D 70 -39.80 3.25 6.46
N ALA D 71 -41.10 3.53 6.74
CA ALA D 71 -41.48 4.75 7.47
C ALA D 71 -40.65 4.82 8.76
N GLY D 72 -40.14 6.01 9.13
CA GLY D 72 -39.18 6.21 10.22
C GLY D 72 -37.74 6.22 9.75
N GLY D 73 -37.48 5.71 8.55
CA GLY D 73 -36.12 5.75 7.97
C GLY D 73 -35.74 7.14 7.45
N LYS D 74 -34.47 7.31 7.13
CA LYS D 74 -33.87 8.62 6.78
C LYS D 74 -33.69 8.71 5.25
N VAL D 75 -33.82 9.93 4.72
CA VAL D 75 -33.35 10.28 3.36
C VAL D 75 -32.23 11.33 3.53
N GLU D 76 -31.10 11.10 2.89
CA GLU D 76 -29.98 12.08 2.83
C GLU D 76 -29.89 12.60 1.40
N PHE D 77 -30.20 13.89 1.19
CA PHE D 77 -30.10 14.56 -0.12
C PHE D 77 -28.66 15.04 -0.29
N GLN D 78 -28.06 14.69 -1.42
CA GLN D 78 -26.69 15.17 -1.77
CA GLN D 78 -26.69 15.16 -1.79
C GLN D 78 -26.83 16.22 -2.88
N TRP D 79 -26.39 17.43 -2.59
CA TRP D 79 -26.43 18.58 -3.52
C TRP D 79 -25.07 18.72 -4.18
N THR D 80 -25.03 19.44 -5.30
CA THR D 80 -23.79 20.04 -5.84
C THR D 80 -23.27 21.03 -4.80
N GLU D 81 -22.02 21.50 -4.94
CA GLU D 81 -21.43 22.39 -3.93
C GLU D 81 -22.28 23.66 -3.84
N TRP D 82 -22.85 23.93 -2.69
CA TRP D 82 -23.84 25.02 -2.48
C TRP D 82 -23.09 26.31 -2.21
N PRO D 83 -23.36 27.38 -3.00
CA PRO D 83 -22.68 28.64 -2.80
C PRO D 83 -23.04 29.22 -1.44
N GLU D 84 -22.00 29.61 -0.69
CA GLU D 84 -22.15 30.15 0.67
C GLU D 84 -23.04 31.40 0.66
N SER D 85 -22.98 32.23 -0.40
CA SER D 85 -23.81 33.46 -0.54
C SER D 85 -25.31 33.12 -0.45
N HIS D 86 -25.70 31.91 -0.87
CA HIS D 86 -27.12 31.50 -0.97
C HIS D 86 -27.62 31.06 0.40
N HIS D 87 -27.54 31.92 1.41
CA HIS D 87 -28.06 31.66 2.77
C HIS D 87 -29.58 31.53 2.74
N GLY D 88 -30.10 30.49 3.35
CA GLY D 88 -31.55 30.38 3.48
C GLY D 88 -31.96 29.08 4.14
N PRO D 89 -33.28 28.88 4.32
CA PRO D 89 -33.82 27.69 4.93
C PRO D 89 -33.66 26.46 4.02
N VAL D 90 -33.73 25.29 4.64
CA VAL D 90 -33.81 23.98 3.93
C VAL D 90 -35.13 23.36 4.41
N ILE D 91 -36.02 23.07 3.48
CA ILE D 91 -37.43 22.70 3.79
C ILE D 91 -37.78 21.47 2.97
N THR D 92 -38.42 20.47 3.59
CA THR D 92 -38.74 19.20 2.91
C THR D 92 -40.19 18.81 3.19
N TYR D 93 -40.87 18.34 2.14
CA TYR D 93 -42.30 17.96 2.17
C TYR D 93 -42.44 16.57 1.62
N MET D 94 -43.58 15.95 1.87
CA MET D 94 -44.04 14.72 1.19
C MET D 94 -45.46 14.94 0.70
N ALA D 95 -45.84 14.25 -0.38
CA ALA D 95 -47.21 14.25 -0.95
C ALA D 95 -47.57 12.84 -1.38
N ASN D 96 -48.71 12.37 -0.93
CA ASN D 96 -49.26 11.08 -1.35
C ASN D 96 -49.55 11.13 -2.86
N CYS D 97 -49.10 10.11 -3.58
CA CYS D 97 -49.35 9.99 -5.03
C CYS D 97 -50.71 9.34 -5.29
N ASN D 98 -51.38 8.83 -4.27
CA ASN D 98 -52.71 8.14 -4.38
C ASN D 98 -52.68 7.22 -5.61
N GLY D 99 -51.67 6.37 -5.67
CA GLY D 99 -51.32 5.52 -6.81
C GLY D 99 -49.84 5.68 -7.09
N ASP D 100 -49.41 5.42 -8.30
CA ASP D 100 -47.97 5.40 -8.66
C ASP D 100 -47.47 6.84 -8.77
N CYS D 101 -46.33 7.16 -8.16
CA CYS D 101 -45.71 8.50 -8.35
C CYS D 101 -45.21 8.63 -9.78
N ALA D 102 -44.89 7.51 -10.45
CA ALA D 102 -44.42 7.53 -11.86
C ALA D 102 -45.51 8.09 -12.78
N SER D 103 -46.79 8.07 -12.41
CA SER D 103 -47.89 8.54 -13.30
C SER D 103 -48.79 9.61 -12.64
N VAL D 104 -48.54 9.99 -11.38
CA VAL D 104 -49.31 11.08 -10.71
C VAL D 104 -49.23 12.37 -11.52
N ASP D 105 -50.31 13.14 -11.58
CA ASP D 105 -50.26 14.57 -11.99
C ASP D 105 -49.65 15.36 -10.83
N LYS D 106 -48.47 15.95 -11.02
CA LYS D 106 -47.81 16.77 -9.98
C LYS D 106 -48.75 17.87 -9.47
N THR D 107 -49.66 18.36 -10.30
CA THR D 107 -50.58 19.48 -9.96
C THR D 107 -51.69 18.97 -9.02
N SER D 108 -51.76 17.65 -8.76
CA SER D 108 -52.73 17.05 -7.83
C SER D 108 -52.09 16.82 -6.45
N LEU D 109 -50.76 16.92 -6.32
CA LEU D 109 -50.02 16.62 -5.06
C LEU D 109 -50.31 17.66 -3.99
N GLU D 110 -50.63 17.17 -2.79
CA GLU D 110 -50.88 17.97 -1.57
C GLU D 110 -49.74 17.64 -0.60
N PHE D 111 -48.82 18.59 -0.44
CA PHE D 111 -47.58 18.43 0.34
C PHE D 111 -47.81 18.78 1.81
N PHE D 112 -47.38 17.89 2.70
CA PHE D 112 -47.22 18.18 4.15
C PHE D 112 -45.73 18.30 4.47
N LYS D 113 -45.40 19.29 5.28
CA LYS D 113 -44.00 19.59 5.68
C LYS D 113 -43.53 18.51 6.66
N ILE D 114 -42.37 17.89 6.42
CA ILE D 114 -41.79 16.84 7.32
C ILE D 114 -40.46 17.32 7.91
N ASP D 115 -39.89 18.40 7.39
CA ASP D 115 -38.62 18.93 7.93
C ASP D 115 -38.48 20.41 7.60
N GLU D 116 -37.96 21.21 8.54
CA GLU D 116 -37.63 22.62 8.26
C GLU D 116 -36.49 23.07 9.15
N SER D 117 -35.60 23.87 8.58
CA SER D 117 -34.54 24.56 9.33
C SER D 117 -34.29 25.91 8.67
N GLY D 118 -33.96 26.94 9.46
CA GLY D 118 -33.97 28.33 9.01
C GLY D 118 -32.69 29.05 9.42
N LEU D 119 -32.80 30.04 10.30
CA LEU D 119 -31.62 30.81 10.78
C LEU D 119 -31.13 30.11 12.06
N ILE D 120 -29.92 29.58 12.04
CA ILE D 120 -29.41 28.71 13.13
C ILE D 120 -28.75 29.62 14.16
N SER D 121 -27.94 30.56 13.69
CA SER D 121 -27.03 31.40 14.52
C SER D 121 -26.94 32.80 13.94
N ASP D 122 -27.16 33.83 14.76
CA ASP D 122 -27.26 35.26 14.35
C ASP D 122 -25.98 36.04 14.66
N SER D 123 -24.89 35.38 15.05
CA SER D 123 -23.68 36.07 15.58
C SER D 123 -23.16 37.09 14.57
N ASN D 124 -22.80 36.63 13.36
CA ASN D 124 -22.13 37.44 12.31
C ASN D 124 -23.05 37.56 11.10
N VAL D 125 -23.58 38.76 10.85
CA VAL D 125 -24.49 39.08 9.71
C VAL D 125 -23.81 38.63 8.42
N PRO D 126 -24.47 37.90 7.49
CA PRO D 126 -25.88 37.51 7.62
C PRO D 126 -26.24 36.25 8.44
N GLY D 127 -25.30 35.63 9.16
CA GLY D 127 -25.61 34.51 10.08
C GLY D 127 -25.44 33.15 9.45
N THR D 128 -25.58 32.10 10.26
CA THR D 128 -25.44 30.66 9.90
C THR D 128 -26.86 30.14 9.69
N TRP D 129 -27.12 29.65 8.48
CA TRP D 129 -28.48 29.25 8.03
C TRP D 129 -28.43 27.74 7.82
N ALA D 130 -29.58 27.08 7.70
CA ALA D 130 -29.68 25.65 7.36
C ALA D 130 -28.74 25.38 6.18
N SER D 131 -28.73 26.28 5.20
CA SER D 131 -27.92 26.16 3.97
C SER D 131 -26.42 26.09 4.29
N ASP D 132 -25.98 26.76 5.35
CA ASP D 132 -24.57 26.72 5.85
C ASP D 132 -24.31 25.37 6.52
N ASN D 133 -25.28 24.85 7.27
CA ASN D 133 -25.20 23.51 7.91
C ASN D 133 -25.08 22.47 6.79
N LEU D 134 -25.82 22.67 5.71
CA LEU D 134 -25.82 21.78 4.52
C LEU D 134 -24.43 21.80 3.90
N ILE D 135 -23.83 22.97 3.73
CA ILE D 135 -22.46 23.11 3.17
C ILE D 135 -21.46 22.35 4.07
N ALA D 136 -21.47 22.63 5.37
CA ALA D 136 -20.54 22.03 6.36
C ALA D 136 -20.64 20.49 6.33
N ASN D 137 -21.81 19.93 6.04
CA ASN D 137 -22.06 18.47 6.01
C ASN D 137 -21.90 17.99 4.55
N ASN D 138 -20.82 18.44 3.89
CA ASN D 138 -20.45 18.04 2.50
C ASN D 138 -21.66 18.19 1.55
N ASN D 139 -22.37 19.31 1.65
CA ASN D 139 -23.50 19.71 0.78
C ASN D 139 -24.60 18.64 0.83
N SER D 140 -24.99 18.22 2.04
CA SER D 140 -26.04 17.19 2.22
C SER D 140 -26.99 17.57 3.36
N TRP D 141 -28.16 16.92 3.36
CA TRP D 141 -29.25 17.23 4.31
C TRP D 141 -30.00 15.93 4.57
N THR D 142 -30.22 15.61 5.85
CA THR D 142 -30.93 14.36 6.25
C THR D 142 -32.28 14.71 6.87
N VAL D 143 -33.31 13.99 6.46
CA VAL D 143 -34.68 14.17 6.97
C VAL D 143 -35.19 12.79 7.34
N THR D 144 -36.28 12.74 8.10
CA THR D 144 -36.90 11.50 8.57
C THR D 144 -38.25 11.39 7.89
N VAL D 145 -38.48 10.30 7.18
CA VAL D 145 -39.87 9.91 6.85
C VAL D 145 -40.56 9.56 8.16
N PRO D 146 -41.62 10.28 8.62
CA PRO D 146 -42.27 9.99 9.90
C PRO D 146 -42.73 8.53 9.98
N SER D 147 -42.49 7.91 11.13
CA SER D 147 -42.74 6.45 11.31
C SER D 147 -44.25 6.20 11.24
N SER D 148 -45.08 7.18 11.53
CA SER D 148 -46.55 6.94 11.67
C SER D 148 -47.31 7.25 10.37
N ILE D 149 -46.66 7.70 9.30
CA ILE D 149 -47.40 8.01 8.04
C ILE D 149 -47.75 6.70 7.37
N ALA D 150 -48.86 6.75 6.64
CA ALA D 150 -49.47 5.60 5.97
C ALA D 150 -48.53 5.11 4.88
N ALA D 151 -48.30 3.80 4.80
CA ALA D 151 -47.59 3.15 3.69
C ALA D 151 -48.23 3.63 2.39
N GLY D 152 -47.40 3.87 1.38
CA GLY D 152 -47.81 4.16 0.00
C GLY D 152 -46.71 4.87 -0.76
N ASN D 153 -47.05 5.42 -1.94
CA ASN D 153 -46.10 6.11 -2.83
C ASN D 153 -46.22 7.60 -2.60
N TYR D 154 -45.08 8.25 -2.36
CA TYR D 154 -45.01 9.68 -2.04
C TYR D 154 -43.91 10.30 -2.88
N VAL D 155 -44.19 11.50 -3.37
CA VAL D 155 -43.13 12.44 -3.81
C VAL D 155 -42.60 13.11 -2.55
N MET D 156 -41.28 13.21 -2.47
CA MET D 156 -40.62 14.02 -1.43
C MET D 156 -40.01 15.20 -2.16
N ARG D 157 -40.42 16.40 -1.74
CA ARG D 157 -40.05 17.68 -2.37
C ARG D 157 -39.09 18.34 -1.37
N HIS D 158 -37.83 18.49 -1.74
CA HIS D 158 -36.72 18.94 -0.87
C HIS D 158 -36.25 20.23 -1.51
N GLU D 159 -36.07 21.26 -0.70
CA GLU D 159 -35.94 22.65 -1.23
C GLU D 159 -34.94 23.44 -0.40
N ILE D 160 -34.02 24.14 -1.08
CA ILE D 160 -33.32 25.29 -0.46
C ILE D 160 -34.02 26.56 -0.94
N ILE D 161 -34.29 27.54 -0.06
CA ILE D 161 -34.69 28.91 -0.50
C ILE D 161 -33.52 29.85 -0.23
N ALA D 162 -32.80 30.30 -1.26
CA ALA D 162 -31.68 31.25 -1.15
C ALA D 162 -32.23 32.68 -1.01
N LEU D 163 -31.79 33.43 0.00
CA LEU D 163 -32.36 34.75 0.36
C LEU D 163 -31.34 35.86 0.17
N HIS D 164 -30.22 35.62 -0.48
CA HIS D 164 -29.21 36.69 -0.71
C HIS D 164 -29.82 37.85 -1.52
N SER D 165 -30.89 37.63 -2.32
CA SER D 165 -31.58 38.70 -3.11
C SER D 165 -33.04 38.89 -2.67
N ALA D 166 -33.46 38.32 -1.54
CA ALA D 166 -34.87 38.26 -1.07
C ALA D 166 -35.37 39.61 -0.52
N GLY D 167 -34.50 40.61 -0.39
CA GLY D 167 -34.81 41.98 0.09
C GLY D 167 -35.77 42.73 -0.82
N ASN D 168 -36.04 42.21 -2.04
CA ASN D 168 -37.04 42.80 -2.97
C ASN D 168 -38.00 41.71 -3.44
N GLN D 169 -39.15 42.14 -3.99
CA GLN D 169 -40.23 41.25 -4.47
C GLN D 169 -39.69 40.26 -5.52
N ASN D 170 -40.02 38.97 -5.36
CA ASN D 170 -39.64 37.87 -6.26
C ASN D 170 -38.11 37.66 -6.21
N GLY D 171 -37.45 38.16 -5.17
CA GLY D 171 -35.99 38.09 -5.03
C GLY D 171 -35.53 36.75 -4.48
N ALA D 172 -36.36 36.08 -3.67
CA ALA D 172 -36.06 34.77 -3.07
C ALA D 172 -35.93 33.76 -4.23
N GLN D 173 -34.97 32.85 -4.14
CA GLN D 173 -34.74 31.79 -5.16
C GLN D 173 -35.07 30.44 -4.56
N ASN D 174 -36.12 29.81 -5.05
CA ASN D 174 -36.54 28.48 -4.57
C ASN D 174 -35.87 27.42 -5.45
N TYR D 175 -35.29 26.40 -4.85
CA TYR D 175 -34.61 25.30 -5.57
C TYR D 175 -35.25 23.99 -5.18
N PRO D 176 -36.50 23.73 -5.61
CA PRO D 176 -37.17 22.48 -5.29
C PRO D 176 -36.61 21.30 -6.11
N GLN D 177 -36.44 20.17 -5.43
CA GLN D 177 -35.99 18.90 -6.05
C GLN D 177 -36.87 17.76 -5.54
N CYS D 178 -37.52 17.03 -6.45
CA CYS D 178 -38.48 15.96 -6.10
C CYS D 178 -37.89 14.57 -6.36
N ILE D 179 -38.14 13.64 -5.43
CA ILE D 179 -37.82 12.21 -5.61
C ILE D 179 -39.07 11.37 -5.27
N ASN D 180 -39.17 10.18 -5.89
CA ASN D 180 -40.27 9.21 -5.66
C ASN D 180 -39.85 8.24 -4.56
N LEU D 181 -40.69 8.11 -3.53
CA LEU D 181 -40.50 7.14 -2.44
C LEU D 181 -41.67 6.14 -2.45
N LYS D 182 -41.33 4.89 -2.16
CA LYS D 182 -42.29 3.82 -1.83
C LYS D 182 -42.09 3.52 -0.34
N VAL D 183 -42.97 4.09 0.49
CA VAL D 183 -42.92 4.06 1.98
C VAL D 183 -43.65 2.78 2.40
N THR D 184 -42.97 1.97 3.21
CA THR D 184 -43.48 0.67 3.74
C THR D 184 -43.62 0.76 5.25
N GLY D 185 -44.37 -0.20 5.80
CA GLY D 185 -44.68 -0.28 7.23
C GLY D 185 -45.53 0.92 7.58
N GLY D 186 -45.04 1.75 8.49
CA GLY D 186 -45.66 3.03 8.87
C GLY D 186 -46.95 2.80 9.63
N GLY D 187 -47.82 3.81 9.67
CA GLY D 187 -49.05 3.80 10.47
C GLY D 187 -50.22 4.24 9.62
N SER D 188 -50.99 5.23 10.10
CA SER D 188 -52.25 5.69 9.44
C SER D 188 -52.26 7.20 9.21
N ASP D 189 -51.22 7.95 9.60
CA ASP D 189 -51.25 9.42 9.51
C ASP D 189 -51.23 9.82 8.03
N LYS D 190 -52.15 10.70 7.64
CA LYS D 190 -52.13 11.45 6.36
C LYS D 190 -52.27 12.93 6.67
N PRO D 191 -51.16 13.63 7.00
CA PRO D 191 -51.25 15.03 7.37
C PRO D 191 -51.89 15.81 6.21
N ALA D 192 -52.80 16.73 6.55
CA ALA D 192 -53.45 17.67 5.60
C ALA D 192 -52.35 18.34 4.78
N GLY D 193 -52.47 18.26 3.46
CA GLY D 193 -51.46 18.77 2.52
C GLY D 193 -51.87 20.05 1.85
N THR D 194 -50.88 20.74 1.30
CA THR D 194 -51.00 22.06 0.64
C THR D 194 -50.59 21.85 -0.83
N LEU D 195 -51.42 22.31 -1.76
CA LEU D 195 -51.07 22.33 -3.20
C LEU D 195 -49.69 22.97 -3.34
N GLY D 196 -48.84 22.43 -4.21
CA GLY D 196 -47.54 23.08 -4.47
C GLY D 196 -47.71 24.56 -4.76
N THR D 197 -48.72 24.95 -5.57
CA THR D 197 -48.95 26.37 -5.97
C THR D 197 -49.63 27.18 -4.85
N ALA D 198 -49.83 26.60 -3.66
CA ALA D 198 -50.35 27.33 -2.46
C ALA D 198 -49.30 27.36 -1.35
N LEU D 199 -48.10 26.82 -1.56
CA LEU D 199 -47.08 26.72 -0.50
C LEU D 199 -46.64 28.12 -0.06
N TYR D 200 -46.36 29.02 -1.00
CA TYR D 200 -45.66 30.29 -0.74
C TYR D 200 -46.31 31.45 -1.51
N LYS D 201 -46.29 32.60 -0.88
CA LYS D 201 -46.56 33.93 -1.48
C LYS D 201 -45.29 34.79 -1.40
N ASN D 202 -45.13 35.65 -2.39
CA ASN D 202 -43.91 36.48 -2.59
C ASN D 202 -43.90 37.60 -1.53
N THR D 203 -44.90 37.62 -0.64
CA THR D 203 -45.03 38.57 0.52
C THR D 203 -44.75 37.84 1.83
N ASP D 204 -44.49 36.52 1.85
CA ASP D 204 -44.36 35.79 3.15
C ASP D 204 -43.19 36.37 3.95
N ALA D 205 -43.29 36.33 5.28
CA ALA D 205 -42.24 36.91 6.17
C ALA D 205 -40.87 36.26 5.90
N GLY D 206 -40.85 34.99 5.49
CA GLY D 206 -39.61 34.21 5.26
C GLY D 206 -39.12 34.29 3.83
N ILE D 207 -39.89 34.97 2.96
CA ILE D 207 -39.63 35.08 1.50
C ILE D 207 -39.14 36.49 1.18
N LEU D 208 -39.88 37.49 1.65
CA LEU D 208 -39.56 38.92 1.40
C LEU D 208 -38.89 39.41 2.68
N VAL D 209 -37.56 39.42 2.67
CA VAL D 209 -36.75 39.58 3.89
C VAL D 209 -35.36 40.08 3.50
N ASN D 210 -34.83 41.05 4.24
CA ASN D 210 -33.43 41.50 4.10
C ASN D 210 -32.58 40.77 5.15
N ILE D 211 -31.71 39.85 4.72
CA ILE D 211 -30.96 38.98 5.67
C ILE D 211 -29.71 39.73 6.14
N TYR D 212 -29.43 40.90 5.57
CA TYR D 212 -28.16 41.64 5.81
C TYR D 212 -28.34 42.60 6.98
N GLN D 213 -28.77 42.02 8.09
CA GLN D 213 -29.07 42.74 9.35
C GLN D 213 -29.17 41.70 10.49
N SER D 214 -29.10 42.16 11.74
CA SER D 214 -29.37 41.30 12.91
C SER D 214 -30.87 40.98 12.95
N LEU D 215 -31.23 39.77 12.55
CA LEU D 215 -32.61 39.23 12.63
C LEU D 215 -32.83 38.59 14.01
N SER D 216 -33.82 39.10 14.74
CA SER D 216 -34.32 38.56 16.04
C SER D 216 -34.72 37.10 15.86
N SER D 217 -35.43 36.83 14.76
CA SER D 217 -36.00 35.50 14.41
C SER D 217 -36.25 35.46 12.91
N TYR D 218 -36.51 34.28 12.38
CA TYR D 218 -36.81 34.10 10.94
C TYR D 218 -38.01 33.16 10.85
N ASP D 219 -39.10 33.59 10.20
CA ASP D 219 -40.32 32.77 10.06
C ASP D 219 -40.19 31.89 8.81
N ILE D 220 -39.89 30.61 9.01
CA ILE D 220 -39.68 29.64 7.90
C ILE D 220 -40.99 29.55 7.14
N PRO D 221 -40.98 29.75 5.80
CA PRO D 221 -42.19 29.79 5.04
C PRO D 221 -42.77 28.39 4.82
N GLY D 222 -43.99 28.37 4.31
CA GLY D 222 -44.69 27.12 4.05
C GLY D 222 -45.65 26.76 5.17
N PRO D 223 -46.42 25.69 4.98
CA PRO D 223 -47.36 25.24 6.00
C PRO D 223 -46.64 24.63 7.22
N ALA D 224 -47.39 24.46 8.31
CA ALA D 224 -46.93 23.93 9.61
C ALA D 224 -46.22 22.59 9.43
N LEU D 225 -45.12 22.42 10.16
CA LEU D 225 -44.46 21.09 10.32
C LEU D 225 -45.50 20.05 10.73
N TYR D 226 -45.57 18.96 9.96
CA TYR D 226 -46.47 17.78 10.08
C TYR D 226 -47.95 18.21 10.03
N SER D 227 -48.25 19.40 9.47
CA SER D 227 -49.58 20.06 9.53
C SER D 227 -50.12 20.05 10.96
N GLY D 228 -49.25 20.20 11.96
CA GLY D 228 -49.61 20.29 13.39
C GLY D 228 -49.59 18.96 14.13
N HIS D 229 -49.38 17.82 13.46
CA HIS D 229 -49.31 16.47 14.09
C HIS D 229 -48.01 16.29 14.88
N HIS D 230 -47.95 15.25 15.72
CA HIS D 230 -46.79 14.88 16.56
C HIS D 230 -45.98 13.75 15.90
N HIS D 231 -45.00 14.09 15.06
CA HIS D 231 -44.05 13.12 14.46
C HIS D 231 -42.62 13.46 14.90
#